data_6EON
#
_entry.id   6EON
#
_cell.length_a   62.038
_cell.length_b   101.162
_cell.length_c   143.214
_cell.angle_alpha   90.00
_cell.angle_beta   90.00
_cell.angle_gamma   90.00
#
_symmetry.space_group_name_H-M   'P 2 21 21'
#
loop_
_entity.id
_entity.type
_entity.pdbx_description
1 polymer Beta-galactosidase
2 non-polymer alpha-D-galactopyranose
3 non-polymer 'CALCIUM ION'
4 water water
#
_entity_poly.entity_id   1
_entity_poly.type   'polypeptide(L)'
_entity_poly.pdbx_seq_one_letter_code
;MKKPLLYLLILVVAVLGSSCSQSSEGTFEVGKNTFLLNGEPFVVKAAEIHYPRIPKEYWEHRIKMCKALGMNTICLYVFW
NFHEPEEGRYDFAGQKDIAAFCRLAQENGMYVIVRPGPYVCAEWEMGGLPWWLLKKKDIKLREQDPYYMERVKLFLNEVG
KQLADLQISKGGNIIMVQVENAYGAFGIDKPYISEIRDMVKQAGFTGVPLFQCDWNSNFENNALDDLLWTINFGTGANID
EQFKRLKELRPDTPLMCSEFWSGWFDHWGAKHETRSAEELVKGMKEMLDRNISFSLYMTHGGTSFGHWGGANFPNFSPTC
TSYDYDAPINESGKVTPKYLEVRNLLGNYLPEGETLPEIPDSIPTIAIPTIKMTEMAVLFDNLPHPKESEDIRTMEAFDQ
GWGSILYRTSLSASDKEQTLLITEAHDWAQVFLNGKKLATLSRLKGEGVVKLPPLKEGDRLDILVEAMGRMNFGKGIYDW
KGITEKVELQSDKGVELVKDWQVYTIPVDYSFARDKQYKQQENAENQPAYYRSTFNLNELGDTFLNMMNWSKGMVWVNGH
AIGRYWEIGPQQTLYVPGCWLKKGENEIIILDMAGPSKAETEGLRQPILDVQRGNGAYAHRKMGENLDLTNETPVYQGIF
KSGNGWQHVKFGKKVETRFFCLEALNAHDGKDFAAIAELELLGEDGKPVSRQHWKVIYADSEETDAANNIATNVFDLQES
TFWHTNYSSSKPAFPHQIVIDLGEDKVITGFSYLPRAEAGKTGMIKDYKVYLKMQPFKI
;
_entity_poly.pdbx_strand_id   A
#
loop_
_chem_comp.id
_chem_comp.type
_chem_comp.name
_chem_comp.formula
CA non-polymer 'CALCIUM ION' 'Ca 2'
GLA D-saccharide, alpha linking alpha-D-galactopyranose 'C6 H12 O6'
#
# COMPACT_ATOMS: atom_id res chain seq x y z
N GLY A 26 -20.33 24.47 19.11
CA GLY A 26 -19.17 23.98 19.91
C GLY A 26 -17.83 24.52 19.44
N THR A 27 -16.78 24.25 20.21
CA THR A 27 -15.41 24.68 19.84
C THR A 27 -14.42 23.55 20.06
N PHE A 28 -13.40 23.51 19.21
CA PHE A 28 -12.24 22.67 19.44
C PHE A 28 -11.01 23.53 19.20
N GLU A 29 -10.10 23.53 20.17
CA GLU A 29 -8.95 24.45 20.14
C GLU A 29 -7.67 23.76 20.57
N VAL A 30 -6.55 24.26 20.04
CA VAL A 30 -5.22 23.90 20.48
C VAL A 30 -4.90 24.82 21.67
N GLY A 31 -4.73 24.23 22.85
CA GLY A 31 -4.44 24.98 24.06
C GLY A 31 -3.00 24.82 24.54
N LYS A 32 -2.82 25.15 25.82
CA LYS A 32 -1.51 25.12 26.47
CA LYS A 32 -1.51 25.11 26.46
C LYS A 32 -1.28 23.71 27.00
N ASN A 33 -0.46 22.92 26.29
CA ASN A 33 -0.21 21.54 26.66
C ASN A 33 -1.47 20.68 26.68
N THR A 34 -2.49 21.06 25.91
CA THR A 34 -3.74 20.32 25.85
C THR A 34 -4.58 20.76 24.67
N PHE A 35 -5.47 19.88 24.22
CA PHE A 35 -6.59 20.27 23.38
C PHE A 35 -7.72 20.70 24.32
N LEU A 36 -8.57 21.59 23.81
CA LEU A 36 -9.77 22.05 24.51
C LEU A 36 -11.03 21.80 23.67
N LEU A 37 -11.94 21.00 24.20
CA LEU A 37 -13.26 20.76 23.61
C LEU A 37 -14.26 21.55 24.44
N ASN A 38 -14.92 22.51 23.81
CA ASN A 38 -15.87 23.43 24.50
C ASN A 38 -15.25 24.02 25.78
N GLY A 39 -13.99 24.44 25.68
CA GLY A 39 -13.26 25.06 26.78
C GLY A 39 -12.59 24.16 27.81
N GLU A 40 -12.79 22.84 27.72
CA GLU A 40 -12.35 21.87 28.73
C GLU A 40 -11.25 20.95 28.15
N PRO A 41 -10.25 20.60 28.96
CA PRO A 41 -9.21 19.67 28.45
C PRO A 41 -9.81 18.40 27.88
N PHE A 42 -9.28 17.93 26.74
CA PHE A 42 -9.86 16.78 26.06
C PHE A 42 -8.72 16.02 25.40
N VAL A 43 -8.70 14.71 25.61
CA VAL A 43 -7.68 13.84 25.02
C VAL A 43 -8.36 13.04 23.91
N VAL A 44 -7.88 13.24 22.69
CA VAL A 44 -8.43 12.57 21.52
C VAL A 44 -7.95 11.10 21.53
N LYS A 45 -8.91 10.20 21.45
CA LYS A 45 -8.68 8.78 21.32
C LYS A 45 -9.45 8.34 20.06
N ALA A 46 -8.76 8.38 18.92
CA ALA A 46 -9.44 8.22 17.63
C ALA A 46 -9.21 6.86 17.00
N ALA A 47 -10.20 6.44 16.23
CA ALA A 47 -10.17 5.17 15.48
C ALA A 47 -10.15 5.50 14.00
N GLU A 48 -9.10 5.09 13.30
CA GLU A 48 -9.09 5.23 11.84
C GLU A 48 -9.89 4.11 11.18
N ILE A 49 -10.92 4.52 10.41
CA ILE A 49 -11.69 3.63 9.55
C ILE A 49 -11.99 4.36 8.24
N HIS A 50 -12.07 3.59 7.16
CA HIS A 50 -12.16 4.15 5.80
C HIS A 50 -13.46 3.74 5.12
N TYR A 51 -14.32 4.74 4.91
CA TYR A 51 -15.67 4.54 4.30
C TYR A 51 -15.68 3.73 2.96
N PRO A 52 -14.68 3.90 2.05
CA PRO A 52 -14.73 3.02 0.88
C PRO A 52 -14.38 1.57 1.10
N ARG A 53 -13.77 1.24 2.26
CA ARG A 53 -13.27 -0.09 2.56
C ARG A 53 -14.26 -0.90 3.38
N ILE A 54 -15.42 -0.31 3.60
CA ILE A 54 -16.48 -0.88 4.43
C ILE A 54 -17.79 -0.74 3.67
N PRO A 55 -18.50 -1.86 3.42
CA PRO A 55 -19.81 -1.74 2.77
C PRO A 55 -20.67 -0.74 3.55
N LYS A 56 -21.42 0.09 2.85
CA LYS A 56 -22.17 1.20 3.50
C LYS A 56 -23.20 0.67 4.50
N GLU A 57 -23.71 -0.52 4.23
CA GLU A 57 -24.66 -1.17 5.12
C GLU A 57 -24.07 -1.49 6.51
N TYR A 58 -22.73 -1.58 6.59
CA TYR A 58 -22.01 -1.91 7.80
C TYR A 58 -21.31 -0.72 8.46
N TRP A 59 -21.44 0.48 7.91
CA TRP A 59 -20.79 1.66 8.50
C TRP A 59 -21.15 1.78 9.98
N GLU A 60 -22.46 1.72 10.26
CA GLU A 60 -22.95 1.86 11.64
C GLU A 60 -22.35 0.82 12.60
N HIS A 61 -22.33 -0.44 12.18
CA HIS A 61 -21.74 -1.53 12.96
C HIS A 61 -20.27 -1.25 13.27
N ARG A 62 -19.50 -0.81 12.26
CA ARG A 62 -18.08 -0.56 12.50
C ARG A 62 -17.86 0.62 13.45
N ILE A 63 -18.66 1.66 13.30
CA ILE A 63 -18.57 2.82 14.20
C ILE A 63 -18.89 2.42 15.65
N LYS A 64 -19.94 1.63 15.83
CA LYS A 64 -20.27 1.08 17.15
C LYS A 64 -19.20 0.17 17.71
N MET A 65 -18.51 -0.60 16.86
CA MET A 65 -17.34 -1.34 17.30
C MET A 65 -16.23 -0.42 17.82
N CYS A 66 -16.00 0.71 17.15
CA CYS A 66 -15.00 1.66 17.55
C CYS A 66 -15.39 2.31 18.90
N LYS A 67 -16.67 2.61 19.07
CA LYS A 67 -17.11 3.21 20.33
C LYS A 67 -16.98 2.22 21.49
N ALA A 68 -17.33 0.96 21.25
CA ALA A 68 -17.18 -0.06 22.29
C ALA A 68 -15.73 -0.38 22.66
N LEU A 69 -14.79 -0.07 21.78
CA LEU A 69 -13.41 -0.25 22.03
C LEU A 69 -12.82 0.80 22.98
N GLY A 70 -13.50 1.95 23.13
CA GLY A 70 -13.06 3.02 24.02
C GLY A 70 -12.67 4.32 23.34
N MET A 71 -12.86 4.39 22.03
CA MET A 71 -12.50 5.59 21.27
CA MET A 71 -12.51 5.58 21.25
C MET A 71 -13.62 6.63 21.37
N ASN A 72 -13.24 7.89 21.27
CA ASN A 72 -14.19 8.99 21.28
C ASN A 72 -14.30 9.73 19.96
N THR A 73 -13.49 9.34 18.97
CA THR A 73 -13.37 10.07 17.72
C THR A 73 -13.12 9.04 16.59
N ILE A 74 -13.65 9.31 15.39
CA ILE A 74 -13.34 8.56 14.16
C ILE A 74 -12.47 9.44 13.27
N CYS A 75 -11.41 8.87 12.72
CA CYS A 75 -10.52 9.59 11.82
C CYS A 75 -10.63 8.94 10.45
N LEU A 76 -10.74 9.76 9.42
CA LEU A 76 -10.92 9.24 8.06
C LEU A 76 -10.25 10.11 7.01
N TYR A 77 -9.78 9.45 5.96
CA TYR A 77 -9.35 10.13 4.75
C TYR A 77 -10.57 10.38 3.88
N VAL A 78 -10.48 11.36 3.00
CA VAL A 78 -11.34 11.48 1.84
C VAL A 78 -10.51 11.05 0.64
N PHE A 79 -11.06 10.14 -0.16
CA PHE A 79 -10.33 9.50 -1.25
C PHE A 79 -10.72 10.15 -2.58
N TRP A 80 -9.91 11.11 -3.04
CA TRP A 80 -10.26 11.93 -4.21
C TRP A 80 -10.71 11.11 -5.42
N ASN A 81 -9.90 10.13 -5.83
CA ASN A 81 -10.19 9.34 -7.03
C ASN A 81 -11.49 8.53 -6.93
N PHE A 82 -11.93 8.26 -5.71
CA PHE A 82 -13.19 7.55 -5.46
C PHE A 82 -14.39 8.46 -5.76
N HIS A 83 -14.21 9.78 -5.65
CA HIS A 83 -15.25 10.77 -5.87
C HIS A 83 -15.22 11.48 -7.23
N GLU A 84 -14.07 11.49 -7.92
CA GLU A 84 -13.93 12.11 -9.20
C GLU A 84 -13.20 11.12 -10.15
N PRO A 85 -13.79 9.93 -10.38
CA PRO A 85 -13.08 8.93 -11.23
C PRO A 85 -12.92 9.34 -12.70
N GLU A 86 -13.77 10.27 -13.16
CA GLU A 86 -13.61 10.98 -14.43
C GLU A 86 -13.63 12.49 -14.15
N GLU A 87 -12.82 13.27 -14.88
CA GLU A 87 -12.66 14.70 -14.60
C GLU A 87 -13.97 15.47 -14.66
N GLY A 88 -14.21 16.34 -13.66
CA GLY A 88 -15.39 17.18 -13.58
C GLY A 88 -16.66 16.49 -13.07
N ARG A 89 -16.63 15.17 -12.89
CA ARG A 89 -17.79 14.40 -12.49
C ARG A 89 -17.66 13.96 -11.03
N TYR A 90 -18.25 14.72 -10.12
CA TYR A 90 -18.12 14.39 -8.70
C TYR A 90 -19.29 13.55 -8.19
N ASP A 91 -19.01 12.56 -7.35
CA ASP A 91 -20.03 11.67 -6.81
C ASP A 91 -19.88 11.54 -5.31
N PHE A 92 -20.94 11.90 -4.57
CA PHE A 92 -20.98 11.80 -3.12
C PHE A 92 -22.24 11.07 -2.66
N ALA A 93 -22.75 10.15 -3.49
CA ALA A 93 -23.97 9.39 -3.19
C ALA A 93 -23.66 7.96 -2.74
N GLY A 94 -24.55 7.40 -1.91
CA GLY A 94 -24.46 6.00 -1.50
C GLY A 94 -23.18 5.70 -0.71
N GLN A 95 -22.38 4.79 -1.26
CA GLN A 95 -21.10 4.41 -0.72
C GLN A 95 -20.09 5.58 -0.65
N LYS A 96 -20.34 6.60 -1.44
CA LYS A 96 -19.49 7.80 -1.47
C LYS A 96 -20.04 8.94 -0.61
N ASP A 97 -21.06 8.69 0.19
CA ASP A 97 -21.69 9.76 0.96
C ASP A 97 -20.93 10.04 2.28
N ILE A 98 -19.85 10.80 2.16
CA ILE A 98 -19.00 11.13 3.30
C ILE A 98 -19.72 11.94 4.39
N ALA A 99 -20.63 12.81 3.99
CA ALA A 99 -21.48 13.52 4.95
C ALA A 99 -22.35 12.58 5.75
N ALA A 100 -22.97 11.61 5.09
CA ALA A 100 -23.77 10.61 5.79
C ALA A 100 -22.92 9.82 6.78
N PHE A 101 -21.70 9.44 6.39
CA PHE A 101 -20.77 8.80 7.29
C PHE A 101 -20.48 9.63 8.56
N CYS A 102 -20.16 10.92 8.37
CA CYS A 102 -19.87 11.79 9.51
C CYS A 102 -21.09 11.95 10.44
N ARG A 103 -22.28 12.08 9.86
CA ARG A 103 -23.54 12.21 10.65
C ARG A 103 -23.83 10.94 11.43
N LEU A 104 -23.51 9.80 10.85
CA LEU A 104 -23.65 8.53 11.55
C LEU A 104 -22.74 8.50 12.77
N ALA A 105 -21.51 8.98 12.62
CA ALA A 105 -20.61 9.08 13.75
C ALA A 105 -21.20 10.02 14.83
N GLN A 106 -21.74 11.16 14.40
CA GLN A 106 -22.36 12.14 15.33
C GLN A 106 -23.55 11.52 16.11
N GLU A 107 -24.39 10.81 15.37
CA GLU A 107 -25.53 10.10 15.96
C GLU A 107 -25.13 9.06 16.99
N ASN A 108 -23.91 8.51 16.88
CA ASN A 108 -23.33 7.58 17.87
C ASN A 108 -22.39 8.23 18.90
N GLY A 109 -22.45 9.55 19.04
CA GLY A 109 -21.71 10.27 20.05
C GLY A 109 -20.20 10.33 19.87
N MET A 110 -19.74 10.30 18.61
CA MET A 110 -18.32 10.34 18.33
CA MET A 110 -18.34 10.28 18.25
C MET A 110 -17.97 11.54 17.48
N TYR A 111 -16.82 12.12 17.78
CA TYR A 111 -16.25 13.23 16.99
C TYR A 111 -15.59 12.68 15.74
N VAL A 112 -15.21 13.58 14.83
CA VAL A 112 -14.54 13.20 13.59
C VAL A 112 -13.34 14.07 13.32
N ILE A 113 -12.27 13.44 12.85
CA ILE A 113 -11.14 14.13 12.23
C ILE A 113 -11.18 13.75 10.76
N VAL A 114 -11.07 14.75 9.88
CA VAL A 114 -11.09 14.52 8.43
C VAL A 114 -9.73 14.87 7.88
N ARG A 115 -9.26 14.01 6.99
CA ARG A 115 -7.94 14.18 6.36
C ARG A 115 -8.21 14.12 4.84
N PRO A 116 -8.56 15.28 4.25
CA PRO A 116 -9.09 15.28 2.87
C PRO A 116 -8.02 15.23 1.78
N GLY A 117 -6.74 15.14 2.13
CA GLY A 117 -5.69 14.97 1.13
C GLY A 117 -5.18 16.30 0.61
N PRO A 118 -5.05 16.52 -0.71
CA PRO A 118 -5.59 15.74 -1.83
C PRO A 118 -4.95 14.35 -2.01
N TYR A 119 -3.70 14.22 -1.56
CA TYR A 119 -3.01 12.91 -1.50
C TYR A 119 -3.15 12.33 -0.10
N VAL A 120 -3.52 11.04 -0.02
CA VAL A 120 -3.76 10.36 1.25
C VAL A 120 -2.93 9.09 1.47
N CYS A 121 -2.19 8.63 0.45
CA CYS A 121 -1.32 7.45 0.56
C CYS A 121 -2.16 6.19 0.82
N ALA A 122 -2.26 5.74 2.08
CA ALA A 122 -3.28 4.81 2.52
C ALA A 122 -3.31 3.42 1.85
N GLU A 123 -2.20 3.00 1.25
CA GLU A 123 -2.16 1.76 0.47
C GLU A 123 -3.33 1.65 -0.56
N TRP A 124 -3.62 2.79 -1.18
CA TRP A 124 -4.77 2.98 -2.03
C TRP A 124 -4.29 3.50 -3.36
N GLU A 125 -4.93 3.02 -4.44
CA GLU A 125 -4.67 3.45 -5.86
C GLU A 125 -4.16 4.89 -5.96
N MET A 126 -2.91 5.06 -6.42
CA MET A 126 -2.30 6.37 -6.65
C MET A 126 -2.32 7.34 -5.45
N GLY A 127 -2.42 6.77 -4.24
CA GLY A 127 -2.53 7.57 -3.04
C GLY A 127 -3.75 8.48 -3.00
N GLY A 128 -4.82 8.09 -3.68
CA GLY A 128 -6.02 8.91 -3.79
C GLY A 128 -6.07 9.81 -5.01
N LEU A 129 -4.95 10.01 -5.69
CA LEU A 129 -4.92 10.86 -6.87
C LEU A 129 -5.64 10.20 -8.05
N PRO A 130 -6.34 10.98 -8.87
CA PRO A 130 -7.00 10.43 -10.05
C PRO A 130 -6.05 10.21 -11.22
N TRP A 131 -6.14 9.03 -11.81
CA TRP A 131 -5.31 8.62 -12.95
C TRP A 131 -5.32 9.61 -14.11
N TRP A 132 -6.45 10.28 -14.31
CA TRP A 132 -6.63 11.17 -15.47
C TRP A 132 -5.71 12.41 -15.40
N LEU A 133 -5.13 12.70 -14.23
CA LEU A 133 -4.05 13.69 -14.16
C LEU A 133 -2.87 13.35 -15.07
N LEU A 134 -2.62 12.07 -15.23
CA LEU A 134 -1.50 11.55 -16.01
C LEU A 134 -1.71 11.69 -17.52
N LYS A 135 -2.89 12.13 -17.96
CA LYS A 135 -3.07 12.48 -19.37
C LYS A 135 -2.21 13.67 -19.76
N LYS A 136 -1.83 14.51 -18.78
CA LYS A 136 -0.84 15.56 -18.98
C LYS A 136 0.54 14.94 -18.70
N LYS A 137 1.23 14.56 -19.77
CA LYS A 137 2.47 13.78 -19.67
C LYS A 137 3.58 14.43 -18.82
N ASP A 138 3.64 15.77 -18.85
CA ASP A 138 4.63 16.53 -18.09
C ASP A 138 4.07 17.05 -16.77
N ILE A 139 2.98 16.48 -16.28
CA ILE A 139 2.43 16.96 -15.02
C ILE A 139 3.42 16.74 -13.88
N LYS A 140 3.41 17.66 -12.93
CA LYS A 140 4.12 17.47 -11.67
CA LYS A 140 4.13 17.49 -11.67
C LYS A 140 3.07 17.28 -10.59
N LEU A 141 3.29 16.28 -9.74
CA LEU A 141 2.33 15.89 -8.72
C LEU A 141 2.83 16.29 -7.35
N ARG A 142 1.91 16.70 -6.47
CA ARG A 142 2.24 17.14 -5.12
C ARG A 142 3.29 18.27 -5.10
N GLU A 143 3.11 19.18 -6.05
CA GLU A 143 3.88 20.42 -6.18
C GLU A 143 2.95 21.43 -6.82
N GLN A 144 3.41 22.68 -6.93
CA GLN A 144 2.55 23.73 -7.46
C GLN A 144 2.47 23.78 -9.00
N ASP A 145 2.26 22.62 -9.63
CA ASP A 145 1.92 22.55 -11.05
C ASP A 145 0.53 23.18 -11.19
N PRO A 146 0.36 24.18 -12.08
CA PRO A 146 -0.94 24.88 -12.10
C PRO A 146 -2.15 24.01 -12.42
N TYR A 147 -1.97 23.00 -13.29
CA TYR A 147 -3.08 22.06 -13.61
C TYR A 147 -3.45 21.18 -12.42
N TYR A 148 -2.45 20.57 -11.78
CA TYR A 148 -2.66 19.81 -10.56
C TYR A 148 -3.34 20.66 -9.46
N MET A 149 -2.78 21.83 -9.21
CA MET A 149 -3.31 22.70 -8.14
C MET A 149 -4.75 23.13 -8.39
N GLU A 150 -5.12 23.39 -9.65
CA GLU A 150 -6.49 23.80 -9.95
C GLU A 150 -7.46 22.66 -9.66
N ARG A 151 -7.10 21.44 -10.05
CA ARG A 151 -7.96 20.30 -9.78
C ARG A 151 -8.05 20.00 -8.29
N VAL A 152 -6.96 20.19 -7.55
CA VAL A 152 -7.00 20.06 -6.11
C VAL A 152 -8.00 21.08 -5.51
N LYS A 153 -7.87 22.33 -5.91
CA LYS A 153 -8.76 23.40 -5.44
C LYS A 153 -10.22 23.02 -5.61
N LEU A 154 -10.55 22.53 -6.81
CA LEU A 154 -11.95 22.20 -7.16
C LEU A 154 -12.46 21.01 -6.37
N PHE A 155 -11.62 19.99 -6.23
CA PHE A 155 -11.95 18.87 -5.37
C PHE A 155 -12.17 19.27 -3.91
N LEU A 156 -11.24 20.02 -3.34
CA LEU A 156 -11.40 20.46 -1.93
C LEU A 156 -12.69 21.28 -1.74
N ASN A 157 -13.01 22.12 -2.72
CA ASN A 157 -14.27 22.92 -2.70
CA ASN A 157 -14.28 22.89 -2.67
C ASN A 157 -15.49 21.99 -2.61
N GLU A 158 -15.46 20.91 -3.39
CA GLU A 158 -16.52 19.90 -3.33
C GLU A 158 -16.58 19.24 -1.97
N VAL A 159 -15.42 18.90 -1.39
CA VAL A 159 -15.40 18.32 -0.05
C VAL A 159 -15.99 19.33 0.95
N GLY A 160 -15.63 20.60 0.79
CA GLY A 160 -16.19 21.66 1.65
C GLY A 160 -17.71 21.76 1.58
N LYS A 161 -18.28 21.69 0.38
CA LYS A 161 -19.76 21.69 0.25
C LYS A 161 -20.42 20.51 0.97
N GLN A 162 -19.72 19.37 1.04
CA GLN A 162 -20.23 18.21 1.75
C GLN A 162 -20.05 18.32 3.27
N LEU A 163 -18.90 18.82 3.71
CA LEU A 163 -18.47 18.68 5.11
C LEU A 163 -18.27 19.94 5.95
N ALA A 164 -18.15 21.11 5.34
CA ALA A 164 -17.80 22.30 6.14
C ALA A 164 -18.86 22.62 7.19
N ASP A 165 -20.13 22.34 6.86
CA ASP A 165 -21.23 22.55 7.82
C ASP A 165 -21.29 21.53 8.93
N LEU A 166 -20.45 20.49 8.87
CA LEU A 166 -20.33 19.51 9.96
C LEU A 166 -19.14 19.78 10.90
N GLN A 167 -18.44 20.89 10.71
CA GLN A 167 -17.50 21.36 11.73
C GLN A 167 -18.23 21.55 13.07
N ILE A 168 -17.55 21.25 14.17
CA ILE A 168 -18.14 21.43 15.50
C ILE A 168 -18.63 22.88 15.69
N SER A 169 -17.89 23.82 15.10
CA SER A 169 -18.28 25.24 15.14
C SER A 169 -19.56 25.61 14.36
N LYS A 170 -20.09 24.68 13.55
CA LYS A 170 -21.36 24.86 12.83
C LYS A 170 -22.43 23.88 13.32
N GLY A 171 -22.20 23.23 14.47
CA GLY A 171 -23.15 22.30 15.06
C GLY A 171 -22.92 20.82 14.75
N GLY A 172 -21.85 20.51 14.02
CA GLY A 172 -21.50 19.12 13.72
C GLY A 172 -20.48 18.55 14.68
N ASN A 173 -19.72 17.57 14.18
CA ASN A 173 -18.81 16.81 15.03
C ASN A 173 -17.34 16.80 14.53
N ILE A 174 -17.04 17.49 13.45
CA ILE A 174 -15.68 17.51 12.93
C ILE A 174 -14.87 18.48 13.80
N ILE A 175 -13.79 17.98 14.38
CA ILE A 175 -12.93 18.74 15.31
C ILE A 175 -11.59 19.21 14.76
N MET A 176 -11.03 18.51 13.77
CA MET A 176 -9.78 18.91 13.14
CA MET A 176 -9.74 18.86 13.17
C MET A 176 -9.70 18.42 11.70
N VAL A 177 -8.89 19.12 10.92
CA VAL A 177 -8.67 18.79 9.51
C VAL A 177 -7.19 18.75 9.19
N GLN A 178 -6.76 17.68 8.52
CA GLN A 178 -5.35 17.53 8.13
C GLN A 178 -5.09 18.17 6.77
N VAL A 179 -3.93 18.81 6.64
CA VAL A 179 -3.48 19.46 5.41
C VAL A 179 -2.44 18.55 4.77
N GLU A 180 -2.75 18.07 3.56
CA GLU A 180 -1.88 17.12 2.83
C GLU A 180 -1.66 15.83 3.66
N ASN A 181 -0.56 15.09 3.43
CA ASN A 181 -0.29 13.86 4.20
C ASN A 181 1.17 13.45 4.12
N ALA A 182 1.88 13.58 5.25
CA ALA A 182 3.26 13.10 5.37
C ALA A 182 4.16 13.54 4.23
N TYR A 183 4.14 14.85 4.00
CA TYR A 183 4.92 15.40 2.90
C TYR A 183 6.43 15.22 3.09
N GLY A 184 6.87 15.18 4.34
CA GLY A 184 8.27 14.89 4.69
C GLY A 184 8.87 13.65 4.02
N ALA A 185 8.05 12.62 3.80
CA ALA A 185 8.46 11.41 3.05
C ALA A 185 8.45 11.57 1.51
N PHE A 186 8.16 12.77 1.01
CA PHE A 186 8.13 13.09 -0.43
C PHE A 186 9.13 14.15 -0.83
N GLY A 187 9.16 15.24 -0.08
CA GLY A 187 10.11 16.31 -0.44
C GLY A 187 10.11 17.46 0.55
N ILE A 188 10.59 18.62 0.09
CA ILE A 188 10.58 19.83 0.91
C ILE A 188 9.98 20.94 0.06
N ASP A 189 8.81 21.43 0.44
CA ASP A 189 8.10 22.42 -0.37
C ASP A 189 7.06 23.12 0.50
N LYS A 190 7.55 24.01 1.35
CA LYS A 190 6.67 24.79 2.21
C LYS A 190 5.66 25.66 1.42
N PRO A 191 6.05 26.24 0.29
CA PRO A 191 5.03 26.98 -0.51
C PRO A 191 3.85 26.12 -0.99
N TYR A 192 4.15 24.88 -1.40
CA TYR A 192 3.09 23.90 -1.70
C TYR A 192 2.14 23.63 -0.53
N ILE A 193 2.69 23.27 0.61
CA ILE A 193 1.87 22.96 1.78
C ILE A 193 1.06 24.19 2.24
N SER A 194 1.67 25.37 2.16
CA SER A 194 0.97 26.62 2.46
C SER A 194 -0.23 26.85 1.55
N GLU A 195 -0.04 26.57 0.26
CA GLU A 195 -1.14 26.71 -0.72
C GLU A 195 -2.26 25.70 -0.46
N ILE A 196 -1.90 24.46 -0.12
CA ILE A 196 -2.91 23.46 0.27
C ILE A 196 -3.72 23.92 1.50
N ARG A 197 -3.02 24.41 2.52
CA ARG A 197 -3.67 24.98 3.72
C ARG A 197 -4.67 26.07 3.31
N ASP A 198 -4.23 26.99 2.47
CA ASP A 198 -5.09 28.08 1.99
C ASP A 198 -6.31 27.54 1.24
N MET A 199 -6.13 26.49 0.43
CA MET A 199 -7.25 25.87 -0.29
C MET A 199 -8.23 25.15 0.62
N VAL A 200 -7.72 24.56 1.72
CA VAL A 200 -8.56 23.95 2.75
C VAL A 200 -9.44 25.01 3.42
N LYS A 201 -8.84 26.15 3.75
CA LYS A 201 -9.59 27.29 4.33
C LYS A 201 -10.63 27.86 3.35
N GLN A 202 -10.22 28.06 2.11
CA GLN A 202 -11.09 28.58 1.05
C GLN A 202 -12.28 27.66 0.79
N ALA A 203 -12.10 26.35 1.01
CA ALA A 203 -13.18 25.38 0.87
C ALA A 203 -14.20 25.45 2.01
N GLY A 204 -13.88 26.19 3.07
CA GLY A 204 -14.79 26.43 4.17
C GLY A 204 -14.34 25.92 5.54
N PHE A 205 -13.18 25.24 5.62
CA PHE A 205 -12.70 24.68 6.88
C PHE A 205 -11.90 25.71 7.67
N THR A 206 -12.63 26.71 8.19
CA THR A 206 -12.06 27.86 8.91
C THR A 206 -12.39 27.86 10.39
N GLY A 207 -13.17 26.89 10.86
CA GLY A 207 -13.65 26.86 12.23
C GLY A 207 -12.97 25.89 13.20
N VAL A 208 -11.99 25.11 12.74
CA VAL A 208 -11.34 24.07 13.54
C VAL A 208 -9.85 24.03 13.27
N PRO A 209 -9.05 23.48 14.21
CA PRO A 209 -7.60 23.46 13.99
C PRO A 209 -7.22 22.66 12.74
N LEU A 210 -6.28 23.20 11.99
CA LEU A 210 -5.62 22.51 10.88
C LEU A 210 -4.29 21.95 11.33
N PHE A 211 -3.95 20.73 10.87
CA PHE A 211 -2.68 20.11 11.25
C PHE A 211 -1.99 19.40 10.09
N GLN A 212 -0.70 19.18 10.26
CA GLN A 212 0.09 18.40 9.32
C GLN A 212 0.81 17.28 10.11
N CYS A 213 0.90 16.10 9.51
CA CYS A 213 1.51 14.92 10.12
C CYS A 213 2.81 14.59 9.39
N ASP A 214 3.71 13.95 10.11
CA ASP A 214 4.99 13.49 9.55
C ASP A 214 5.68 12.56 10.53
N TRP A 215 6.87 12.10 10.18
CA TRP A 215 7.66 11.29 11.09
C TRP A 215 8.49 12.18 12.01
N ASN A 216 8.95 11.61 13.14
CA ASN A 216 9.83 12.30 14.06
C ASN A 216 11.14 12.71 13.42
N SER A 217 11.54 11.97 12.39
CA SER A 217 12.76 12.26 11.62
C SER A 217 12.69 13.31 10.52
N ASN A 218 11.49 13.71 10.10
CA ASN A 218 11.36 14.66 8.99
C ASN A 218 10.34 15.79 9.14
N PHE A 219 9.59 15.85 10.24
CA PHE A 219 8.49 16.82 10.37
C PHE A 219 8.92 18.29 10.27
N GLU A 220 10.18 18.59 10.61
CA GLU A 220 10.63 20.00 10.56
C GLU A 220 10.77 20.51 9.13
N ASN A 221 10.93 19.60 8.17
CA ASN A 221 11.23 20.03 6.81
C ASN A 221 10.11 20.88 6.15
N ASN A 222 8.86 20.54 6.44
CA ASN A 222 7.71 21.25 5.89
C ASN A 222 6.83 21.94 6.91
N ALA A 223 7.28 21.99 8.16
CA ALA A 223 6.51 22.47 9.29
C ALA A 223 6.21 23.96 9.09
N LEU A 224 4.92 24.30 9.15
CA LEU A 224 4.43 25.68 8.97
C LEU A 224 4.10 26.27 10.34
N ASP A 225 4.37 27.57 10.49
CA ASP A 225 4.19 28.23 11.79
C ASP A 225 2.77 28.18 12.34
N ASP A 226 1.78 28.23 11.45
CA ASP A 226 0.38 28.36 11.87
C ASP A 226 -0.38 27.04 11.88
N LEU A 227 0.29 25.92 11.60
CA LEU A 227 -0.35 24.60 11.69
C LEU A 227 0.11 23.83 12.93
N LEU A 228 -0.78 22.99 13.47
CA LEU A 228 -0.41 22.00 14.46
C LEU A 228 0.47 20.93 13.79
N TRP A 229 1.54 20.53 14.46
CA TRP A 229 2.41 19.44 14.00
C TRP A 229 2.13 18.19 14.80
N THR A 230 1.85 17.11 14.08
CA THR A 230 1.58 15.80 14.71
C THR A 230 2.56 14.77 14.15
N ILE A 231 2.69 13.64 14.85
CA ILE A 231 3.72 12.64 14.56
C ILE A 231 3.06 11.28 14.33
N ASN A 232 3.55 10.55 13.33
CA ASN A 232 3.09 9.18 13.07
C ASN A 232 4.18 8.17 13.43
N PHE A 233 3.79 7.07 14.09
CA PHE A 233 4.73 6.01 14.43
C PHE A 233 3.99 4.73 14.77
N GLY A 234 4.75 3.65 14.94
CA GLY A 234 4.18 2.32 15.05
C GLY A 234 4.16 1.71 16.43
N THR A 235 3.31 0.68 16.58
CA THR A 235 3.34 -0.21 17.74
C THR A 235 4.77 -0.45 18.16
N GLY A 236 5.04 -0.24 19.45
CA GLY A 236 6.35 -0.55 20.02
C GLY A 236 7.35 0.60 20.02
N ALA A 237 7.03 1.69 19.36
CA ALA A 237 8.02 2.78 19.22
C ALA A 237 8.40 3.38 20.57
N ASN A 238 9.61 3.88 20.65
CA ASN A 238 10.10 4.65 21.78
C ASN A 238 9.36 5.99 21.80
N ILE A 239 8.37 6.12 22.69
CA ILE A 239 7.46 7.26 22.69
C ILE A 239 8.18 8.57 22.98
N ASP A 240 9.10 8.58 23.94
CA ASP A 240 9.83 9.81 24.27
C ASP A 240 10.60 10.34 23.07
N GLU A 241 11.24 9.44 22.32
CA GLU A 241 12.01 9.79 21.12
CA GLU A 241 12.01 9.84 21.15
C GLU A 241 11.13 10.37 20.02
N GLN A 242 9.87 9.99 20.01
CA GLN A 242 8.93 10.48 18.98
C GLN A 242 8.53 11.93 19.18
N PHE A 243 8.55 12.41 20.42
CA PHE A 243 8.07 13.75 20.75
C PHE A 243 9.10 14.72 21.33
N LYS A 244 10.31 14.24 21.62
CA LYS A 244 11.35 15.05 22.29
C LYS A 244 11.71 16.31 21.47
N ARG A 245 11.96 16.14 20.18
CA ARG A 245 12.37 17.28 19.35
C ARG A 245 11.21 18.28 19.18
N LEU A 246 10.01 17.74 19.03
CA LEU A 246 8.82 18.57 18.93
C LEU A 246 8.70 19.50 20.14
N LYS A 247 8.94 18.99 21.35
CA LYS A 247 8.86 19.82 22.57
C LYS A 247 9.98 20.86 22.73
N GLU A 248 11.16 20.61 22.15
CA GLU A 248 12.21 21.64 22.08
C GLU A 248 11.76 22.83 21.23
N LEU A 249 10.99 22.55 20.17
CA LEU A 249 10.55 23.58 19.24
C LEU A 249 9.29 24.27 19.70
N ARG A 250 8.37 23.51 20.30
CA ARG A 250 7.07 23.97 20.73
C ARG A 250 6.80 23.47 22.15
N PRO A 251 7.34 24.19 23.15
CA PRO A 251 7.21 23.68 24.51
C PRO A 251 5.77 23.49 25.02
N ASP A 252 4.81 24.24 24.49
CA ASP A 252 3.41 24.17 24.94
C ASP A 252 2.47 23.42 23.96
N THR A 253 3.01 22.83 22.88
CA THR A 253 2.09 22.16 21.97
C THR A 253 1.45 20.95 22.64
N PRO A 254 0.14 20.73 22.43
CA PRO A 254 -0.37 19.41 22.74
C PRO A 254 0.35 18.38 21.84
N LEU A 255 0.43 17.16 22.33
CA LEU A 255 1.09 16.06 21.65
C LEU A 255 0.05 15.11 21.13
N MET A 256 0.13 14.80 19.84
CA MET A 256 -0.76 13.82 19.23
C MET A 256 -0.02 12.94 18.24
N CYS A 257 -0.23 11.64 18.39
CA CYS A 257 0.19 10.68 17.40
C CYS A 257 -1.01 10.53 16.41
N SER A 258 -0.91 11.18 15.25
CA SER A 258 -2.03 11.21 14.28
C SER A 258 -2.22 9.88 13.56
N GLU A 259 -1.18 9.03 13.52
CA GLU A 259 -1.32 7.62 13.11
C GLU A 259 -0.44 6.77 14.01
N PHE A 260 -1.07 5.96 14.86
CA PHE A 260 -0.37 5.01 15.69
C PHE A 260 -0.62 3.64 15.05
N TRP A 261 0.39 3.05 14.42
CA TRP A 261 0.16 1.90 13.57
C TRP A 261 -0.11 0.65 14.44
N SER A 262 -1.31 0.11 14.27
CA SER A 262 -1.82 -0.98 15.08
C SER A 262 -1.39 -2.35 14.60
N GLY A 263 -0.77 -2.40 13.43
CA GLY A 263 -0.54 -3.65 12.72
C GLY A 263 0.24 -3.23 11.51
N TRP A 264 0.01 -3.88 10.39
CA TRP A 264 0.60 -3.46 9.12
C TRP A 264 -0.13 -4.09 7.97
N PHE A 265 0.16 -3.62 6.76
CA PHE A 265 -0.45 -4.11 5.53
C PHE A 265 0.42 -5.25 4.94
N ASP A 266 -0.19 -6.04 4.07
CA ASP A 266 0.50 -7.14 3.42
C ASP A 266 0.86 -6.84 1.97
N HIS A 267 1.96 -7.44 1.51
CA HIS A 267 2.35 -7.42 0.11
C HIS A 267 2.08 -8.75 -0.56
N TRP A 268 1.58 -8.74 -1.80
CA TRP A 268 1.47 -9.98 -2.56
C TRP A 268 2.84 -10.64 -2.65
N GLY A 269 2.86 -11.95 -2.37
CA GLY A 269 4.09 -12.75 -2.38
C GLY A 269 4.83 -12.84 -1.04
N ALA A 270 4.47 -11.99 -0.08
CA ALA A 270 5.18 -11.93 1.20
C ALA A 270 4.40 -12.63 2.31
N LYS A 271 4.84 -12.47 3.56
CA LYS A 271 4.21 -13.10 4.72
C LYS A 271 3.12 -12.17 5.27
N HIS A 272 2.05 -12.75 5.82
CA HIS A 272 1.04 -11.96 6.52
C HIS A 272 1.67 -11.28 7.74
N GLU A 273 1.40 -9.98 7.90
CA GLU A 273 2.00 -9.17 8.96
C GLU A 273 1.12 -9.19 10.21
N THR A 274 1.76 -9.27 11.38
CA THR A 274 1.09 -9.08 12.65
C THR A 274 1.94 -8.21 13.53
N ARG A 275 1.31 -7.58 14.52
CA ARG A 275 2.04 -6.84 15.54
C ARG A 275 1.41 -7.18 16.89
N SER A 276 2.26 -7.13 17.92
CA SER A 276 1.92 -7.53 19.28
C SER A 276 0.85 -6.66 19.91
N ALA A 277 -0.21 -7.29 20.43
CA ALA A 277 -1.20 -6.56 21.20
C ALA A 277 -0.62 -6.00 22.53
N GLU A 278 0.25 -6.79 23.16
CA GLU A 278 0.86 -6.40 24.45
C GLU A 278 1.67 -5.11 24.27
N GLU A 279 2.51 -5.08 23.22
CA GLU A 279 3.26 -3.87 22.88
C GLU A 279 2.38 -2.65 22.57
N LEU A 280 1.30 -2.87 21.83
CA LEU A 280 0.38 -1.77 21.48
C LEU A 280 -0.19 -1.16 22.74
N VAL A 281 -0.70 -2.01 23.63
CA VAL A 281 -1.27 -1.57 24.90
C VAL A 281 -0.26 -0.80 25.78
N LYS A 282 0.97 -1.25 25.80
CA LYS A 282 2.02 -0.59 26.55
C LYS A 282 2.24 0.86 26.06
N GLY A 283 2.34 1.04 24.75
CA GLY A 283 2.49 2.39 24.17
C GLY A 283 1.27 3.26 24.36
N MET A 284 0.09 2.66 24.21
CA MET A 284 -1.17 3.38 24.42
C MET A 284 -1.27 3.88 25.88
N LYS A 285 -0.89 3.02 26.83
CA LYS A 285 -0.90 3.39 28.25
C LYS A 285 0.10 4.50 28.54
N GLU A 286 1.30 4.39 27.99
CA GLU A 286 2.29 5.42 28.18
C GLU A 286 1.76 6.79 27.71
N MET A 287 1.11 6.83 26.54
CA MET A 287 0.56 8.07 26.03
C MET A 287 -0.57 8.59 26.90
N LEU A 288 -1.49 7.70 27.25
CA LEU A 288 -2.65 8.13 28.01
C LEU A 288 -2.35 8.57 29.45
N ASP A 289 -1.36 7.95 30.07
CA ASP A 289 -0.88 8.38 31.41
C ASP A 289 -0.26 9.79 31.39
N ARG A 290 0.20 10.26 30.22
CA ARG A 290 0.67 11.62 30.01
C ARG A 290 -0.34 12.51 29.23
N ASN A 291 -1.60 12.08 29.11
CA ASN A 291 -2.63 12.80 28.36
C ASN A 291 -2.25 13.13 26.90
N ILE A 292 -1.48 12.23 26.28
CA ILE A 292 -1.09 12.37 24.88
C ILE A 292 -2.19 11.71 24.04
N SER A 293 -2.61 12.42 22.99
CA SER A 293 -3.68 12.00 22.10
C SER A 293 -3.13 11.06 21.04
N PHE A 294 -3.99 10.23 20.49
CA PHE A 294 -3.61 9.36 19.39
C PHE A 294 -4.79 9.01 18.52
N SER A 295 -4.50 8.60 17.28
CA SER A 295 -5.48 7.95 16.38
C SER A 295 -4.88 6.63 15.97
N LEU A 296 -5.62 5.56 16.22
CA LEU A 296 -5.12 4.22 15.95
C LEU A 296 -5.40 3.83 14.49
N TYR A 297 -4.32 3.62 13.72
CA TYR A 297 -4.36 3.38 12.29
C TYR A 297 -3.90 1.95 12.03
N MET A 298 -4.72 1.00 11.57
CA MET A 298 -6.16 1.06 11.41
C MET A 298 -6.81 0.51 12.65
N THR A 299 -7.99 1.02 12.98
CA THR A 299 -8.77 0.42 14.07
C THR A 299 -9.62 -0.72 13.51
N HIS A 300 -10.18 -0.48 12.33
CA HIS A 300 -10.76 -1.48 11.44
C HIS A 300 -10.32 -1.12 10.02
N GLY A 301 -9.65 -2.03 9.34
CA GLY A 301 -9.14 -1.74 8.00
C GLY A 301 -10.13 -2.07 6.91
N GLY A 302 -10.80 -3.22 7.00
CA GLY A 302 -11.76 -3.58 5.96
C GLY A 302 -11.03 -4.14 4.74
N THR A 303 -11.45 -3.71 3.56
CA THR A 303 -11.03 -4.32 2.29
C THR A 303 -10.83 -3.24 1.23
N SER A 304 -9.74 -3.33 0.47
CA SER A 304 -9.62 -2.48 -0.70
C SER A 304 -10.30 -3.22 -1.85
N PHE A 305 -11.62 -3.00 -1.94
CA PHE A 305 -12.45 -3.70 -2.90
C PHE A 305 -12.09 -3.30 -4.34
N GLY A 306 -12.53 -4.11 -5.29
CA GLY A 306 -12.40 -3.78 -6.71
C GLY A 306 -10.96 -3.57 -7.13
N HIS A 307 -10.73 -2.48 -7.85
CA HIS A 307 -9.40 -2.11 -8.36
C HIS A 307 -8.64 -1.09 -7.47
N TRP A 308 -9.14 -0.81 -6.27
CA TRP A 308 -8.68 0.36 -5.49
C TRP A 308 -7.42 0.14 -4.68
N GLY A 309 -6.90 -1.11 -4.60
CA GLY A 309 -5.63 -1.39 -3.87
C GLY A 309 -4.44 -0.64 -4.46
N GLY A 310 -3.44 -0.36 -3.64
CA GLY A 310 -2.25 0.40 -4.02
C GLY A 310 -1.00 -0.45 -4.22
N ALA A 311 0.16 0.19 -4.04
CA ALA A 311 1.45 -0.46 -4.22
C ALA A 311 2.53 0.49 -3.68
N ASN A 312 3.54 -0.09 -3.06
CA ASN A 312 4.61 0.71 -2.47
C ASN A 312 5.93 -0.04 -2.54
N PHE A 313 6.86 0.29 -1.63
CA PHE A 313 8.24 -0.16 -1.71
C PHE A 313 8.40 -1.46 -0.90
N PRO A 314 9.42 -2.27 -1.17
CA PRO A 314 10.53 -2.01 -2.07
C PRO A 314 10.17 -2.15 -3.54
N ASN A 315 10.92 -1.45 -4.41
CA ASN A 315 10.75 -1.57 -5.86
C ASN A 315 9.24 -1.34 -6.21
N PHE A 316 8.58 -2.28 -6.89
CA PHE A 316 7.12 -2.25 -7.05
C PHE A 316 6.55 -3.42 -6.27
N SER A 317 5.85 -3.09 -5.18
CA SER A 317 5.31 -4.10 -4.26
C SER A 317 3.82 -3.84 -4.05
N PRO A 318 2.96 -4.45 -4.88
CA PRO A 318 1.53 -4.21 -4.69
C PRO A 318 1.01 -4.81 -3.42
N THR A 319 0.04 -4.13 -2.83
CA THR A 319 -0.49 -4.52 -1.53
C THR A 319 -1.75 -5.39 -1.73
N CYS A 320 -1.98 -6.30 -0.79
CA CYS A 320 -3.10 -7.22 -0.89
C CYS A 320 -4.45 -6.50 -0.83
N THR A 321 -5.45 -7.18 -1.39
CA THR A 321 -6.84 -6.71 -1.39
C THR A 321 -7.35 -6.53 0.03
N SER A 322 -7.16 -7.55 0.85
CA SER A 322 -7.46 -7.45 2.26
C SER A 322 -6.70 -6.30 2.92
N TYR A 323 -7.41 -5.48 3.72
CA TYR A 323 -6.78 -4.48 4.57
C TYR A 323 -7.07 -4.84 6.04
N ASP A 324 -7.04 -6.13 6.33
CA ASP A 324 -7.25 -6.60 7.70
C ASP A 324 -6.31 -5.86 8.65
N TYR A 325 -5.06 -5.72 8.23
CA TYR A 325 -4.05 -4.90 8.89
C TYR A 325 -3.60 -5.47 10.25
N ASP A 326 -4.09 -6.64 10.63
CA ASP A 326 -3.99 -7.11 12.02
C ASP A 326 -4.56 -6.08 13.00
N ALA A 327 -5.61 -5.40 12.55
CA ALA A 327 -6.24 -4.34 13.34
C ALA A 327 -7.05 -4.99 14.45
N PRO A 328 -7.42 -4.20 15.47
CA PRO A 328 -8.25 -4.79 16.55
C PRO A 328 -9.59 -5.32 16.05
N ILE A 329 -10.18 -4.64 15.08
CA ILE A 329 -11.45 -5.08 14.48
C ILE A 329 -11.02 -5.69 13.15
N ASN A 330 -11.26 -6.99 12.97
CA ASN A 330 -10.74 -7.68 11.81
C ASN A 330 -11.51 -7.29 10.52
N GLU A 331 -11.12 -7.85 9.38
CA GLU A 331 -11.66 -7.43 8.08
C GLU A 331 -13.17 -7.50 8.00
N SER A 332 -13.77 -8.51 8.68
CA SER A 332 -15.22 -8.69 8.70
C SER A 332 -15.93 -8.13 9.93
N GLY A 333 -15.24 -7.24 10.65
CA GLY A 333 -15.88 -6.49 11.74
C GLY A 333 -15.90 -7.23 13.07
N LYS A 334 -15.08 -8.28 13.21
CA LYS A 334 -15.11 -9.12 14.43
C LYS A 334 -14.10 -8.69 15.50
N VAL A 335 -14.45 -8.98 16.75
CA VAL A 335 -13.53 -8.92 17.89
C VAL A 335 -12.36 -9.88 17.66
N THR A 336 -11.19 -9.45 18.10
CA THR A 336 -9.96 -10.21 18.15
C THR A 336 -9.36 -10.12 19.55
N PRO A 337 -8.37 -10.99 19.87
CA PRO A 337 -7.66 -10.80 21.15
C PRO A 337 -7.10 -9.38 21.35
N LYS A 338 -6.59 -8.74 20.28
CA LYS A 338 -6.10 -7.37 20.36
C LYS A 338 -7.21 -6.37 20.73
N TYR A 339 -8.40 -6.54 20.17
CA TYR A 339 -9.56 -5.72 20.52
C TYR A 339 -9.80 -5.78 22.03
N LEU A 340 -9.82 -7.00 22.57
CA LEU A 340 -10.10 -7.19 24.00
C LEU A 340 -9.03 -6.55 24.93
N GLU A 341 -7.76 -6.64 24.54
CA GLU A 341 -6.67 -5.98 25.26
C GLU A 341 -6.81 -4.44 25.22
N VAL A 342 -7.11 -3.89 24.04
CA VAL A 342 -7.26 -2.43 23.92
C VAL A 342 -8.46 -1.93 24.70
N ARG A 343 -9.60 -2.62 24.59
CA ARG A 343 -10.79 -2.26 25.33
C ARG A 343 -10.57 -2.29 26.87
N ASN A 344 -9.90 -3.34 27.34
CA ASN A 344 -9.56 -3.50 28.77
C ASN A 344 -8.77 -2.28 29.26
N LEU A 345 -7.78 -1.84 28.46
CA LEU A 345 -7.05 -0.63 28.77
C LEU A 345 -7.91 0.63 28.70
N LEU A 346 -8.63 0.85 27.58
CA LEU A 346 -9.31 2.14 27.38
C LEU A 346 -10.47 2.32 28.33
N GLY A 347 -11.01 1.24 28.84
CA GLY A 347 -12.05 1.29 29.89
C GLY A 347 -11.64 1.97 31.19
N ASN A 348 -10.34 2.11 31.43
CA ASN A 348 -9.82 2.79 32.61
C ASN A 348 -9.62 4.30 32.47
N TYR A 349 -9.95 4.86 31.32
CA TYR A 349 -9.68 6.26 31.03
C TYR A 349 -10.94 7.03 30.65
N LEU A 350 -12.04 6.67 31.30
CA LEU A 350 -13.34 7.28 31.03
C LEU A 350 -13.65 8.29 32.12
N PRO A 351 -14.38 9.37 31.79
CA PRO A 351 -14.86 10.31 32.83
C PRO A 351 -15.61 9.53 33.89
N GLU A 352 -15.42 9.88 35.17
CA GLU A 352 -15.90 9.02 36.26
C GLU A 352 -17.41 8.78 36.21
N GLY A 353 -17.82 7.63 36.74
CA GLY A 353 -19.18 7.12 36.54
C GLY A 353 -19.37 6.26 35.29
N GLU A 354 -18.76 6.65 34.16
CA GLU A 354 -19.06 6.02 32.87
C GLU A 354 -18.46 4.62 32.70
N THR A 355 -19.14 3.81 31.89
CA THR A 355 -18.63 2.50 31.46
C THR A 355 -18.70 2.47 29.92
N LEU A 356 -17.97 1.53 29.33
CA LEU A 356 -17.97 1.39 27.88
C LEU A 356 -19.29 0.81 27.40
N PRO A 357 -19.75 1.21 26.20
CA PRO A 357 -20.94 0.50 25.69
C PRO A 357 -20.63 -0.95 25.35
N GLU A 358 -21.69 -1.75 25.24
CA GLU A 358 -21.58 -3.17 24.94
C GLU A 358 -20.96 -3.36 23.54
N ILE A 359 -20.26 -4.46 23.35
CA ILE A 359 -19.66 -4.76 22.04
C ILE A 359 -20.81 -5.21 21.14
N PRO A 360 -20.97 -4.61 19.94
CA PRO A 360 -21.99 -5.11 18.99
C PRO A 360 -21.83 -6.60 18.68
N ASP A 361 -22.95 -7.28 18.41
CA ASP A 361 -22.87 -8.66 17.91
C ASP A 361 -22.15 -8.67 16.56
N SER A 362 -21.44 -9.76 16.30
CA SER A 362 -20.88 -9.99 14.96
C SER A 362 -21.99 -10.17 13.91
N ILE A 363 -21.64 -9.87 12.68
CA ILE A 363 -22.49 -10.15 11.55
C ILE A 363 -22.36 -11.65 11.28
N PRO A 364 -23.49 -12.35 11.09
CA PRO A 364 -23.40 -13.82 10.86
C PRO A 364 -22.60 -14.19 9.63
N THR A 365 -22.03 -15.38 9.65
CA THR A 365 -21.28 -15.94 8.50
C THR A 365 -21.98 -17.18 7.99
N ILE A 366 -21.78 -17.47 6.71
CA ILE A 366 -22.24 -18.70 6.08
C ILE A 366 -21.10 -19.32 5.30
N ALA A 367 -21.18 -20.63 5.13
CA ALA A 367 -20.42 -21.33 4.13
C ALA A 367 -21.33 -21.50 2.90
N ILE A 368 -20.73 -21.45 1.72
CA ILE A 368 -21.43 -21.63 0.44
C ILE A 368 -20.80 -22.86 -0.21
N PRO A 369 -21.61 -23.88 -0.50
CA PRO A 369 -21.03 -25.10 -1.06
C PRO A 369 -20.47 -24.90 -2.45
N THR A 370 -19.67 -25.88 -2.86
CA THR A 370 -18.92 -25.82 -4.12
C THR A 370 -19.71 -25.24 -5.27
N ILE A 371 -19.16 -24.19 -5.88
CA ILE A 371 -19.72 -23.53 -7.05
C ILE A 371 -18.86 -23.93 -8.22
N LYS A 372 -19.43 -24.69 -9.15
CA LYS A 372 -18.70 -25.12 -10.33
C LYS A 372 -18.83 -24.03 -11.40
N MET A 373 -17.69 -23.53 -11.90
CA MET A 373 -17.69 -22.44 -12.84
C MET A 373 -17.66 -23.05 -14.23
N THR A 374 -18.84 -23.47 -14.67
CA THR A 374 -18.98 -24.23 -15.91
C THR A 374 -19.11 -23.39 -17.18
N GLU A 375 -19.47 -22.10 -17.06
CA GLU A 375 -19.61 -21.20 -18.24
C GLU A 375 -18.36 -20.36 -18.36
N MET A 376 -17.82 -20.19 -19.56
CA MET A 376 -16.57 -19.43 -19.78
CA MET A 376 -16.67 -19.31 -19.72
C MET A 376 -16.67 -18.59 -21.05
N ALA A 377 -16.03 -17.42 -21.06
CA ALA A 377 -15.87 -16.61 -22.28
C ALA A 377 -14.38 -16.27 -22.36
N VAL A 378 -13.68 -16.87 -23.33
CA VAL A 378 -12.26 -16.70 -23.52
C VAL A 378 -12.03 -15.25 -23.98
N LEU A 379 -11.11 -14.55 -23.33
CA LEU A 379 -10.94 -13.12 -23.57
C LEU A 379 -10.65 -12.81 -25.04
N PHE A 380 -9.72 -13.58 -25.61
CA PHE A 380 -9.28 -13.29 -26.99
C PHE A 380 -10.36 -13.59 -28.04
N ASP A 381 -11.41 -14.33 -27.66
CA ASP A 381 -12.60 -14.56 -28.51
C ASP A 381 -13.76 -13.59 -28.23
N ASN A 382 -13.53 -12.62 -27.34
CA ASN A 382 -14.54 -11.68 -26.89
C ASN A 382 -13.93 -10.26 -26.79
N LEU A 383 -13.05 -9.92 -27.74
CA LEU A 383 -12.40 -8.62 -27.69
C LEU A 383 -13.30 -7.49 -28.14
N PRO A 384 -13.10 -6.28 -27.59
CA PRO A 384 -13.77 -5.10 -28.12
C PRO A 384 -13.16 -4.69 -29.46
N HIS A 385 -13.66 -3.60 -30.01
CA HIS A 385 -13.09 -3.05 -31.25
C HIS A 385 -11.67 -2.54 -30.96
N PRO A 386 -10.71 -2.84 -31.84
CA PRO A 386 -9.36 -2.33 -31.66
C PRO A 386 -9.26 -0.84 -32.03
N LYS A 387 -8.34 -0.15 -31.37
CA LYS A 387 -7.83 1.13 -31.85
C LYS A 387 -6.52 0.88 -32.55
N GLU A 388 -6.35 1.48 -33.73
CA GLU A 388 -5.11 1.33 -34.48
C GLU A 388 -4.17 2.44 -34.03
N SER A 389 -2.95 2.06 -33.66
CA SER A 389 -1.94 3.01 -33.19
C SER A 389 -0.57 2.58 -33.72
N GLU A 390 0.05 3.45 -34.52
CA GLU A 390 1.37 3.20 -35.07
C GLU A 390 2.40 2.95 -33.94
N ASP A 391 2.32 3.78 -32.90
CA ASP A 391 3.24 3.80 -31.79
CA ASP A 391 3.28 3.66 -31.82
C ASP A 391 2.64 3.12 -30.54
N ILE A 392 3.50 2.56 -29.70
CA ILE A 392 3.09 2.18 -28.33
C ILE A 392 2.74 3.46 -27.59
N ARG A 393 1.64 3.41 -26.86
CA ARG A 393 1.28 4.47 -25.91
CA ARG A 393 1.29 4.46 -25.89
C ARG A 393 0.73 3.77 -24.66
N THR A 394 0.72 4.49 -23.56
CA THR A 394 0.19 3.97 -22.29
C THR A 394 -1.33 3.96 -22.30
N MET A 395 -1.96 3.27 -21.35
CA MET A 395 -3.42 3.12 -21.41
C MET A 395 -4.14 4.49 -21.25
N GLU A 396 -3.51 5.42 -20.55
CA GLU A 396 -4.13 6.74 -20.27
C GLU A 396 -4.25 7.54 -21.56
N ALA A 397 -3.31 7.33 -22.49
CA ALA A 397 -3.39 7.95 -23.85
C ALA A 397 -4.60 7.53 -24.67
N PHE A 398 -5.19 6.37 -24.34
CA PHE A 398 -6.40 5.86 -24.97
C PHE A 398 -7.65 6.07 -24.10
N ASP A 399 -7.54 6.93 -23.10
CA ASP A 399 -8.63 7.26 -22.15
C ASP A 399 -9.05 6.05 -21.28
N GLN A 400 -8.08 5.23 -20.91
CA GLN A 400 -8.30 4.12 -19.98
C GLN A 400 -7.46 4.32 -18.71
N GLY A 401 -8.10 4.20 -17.55
CA GLY A 401 -7.45 4.31 -16.25
C GLY A 401 -7.11 2.96 -15.58
N TRP A 402 -8.03 2.02 -15.68
CA TRP A 402 -7.93 0.77 -14.94
C TRP A 402 -8.22 -0.41 -15.83
N GLY A 403 -7.68 -1.56 -15.43
CA GLY A 403 -7.97 -2.83 -16.06
C GLY A 403 -6.75 -3.40 -16.74
N SER A 404 -6.97 -4.03 -17.89
CA SER A 404 -5.92 -4.60 -18.72
C SER A 404 -5.94 -3.96 -20.09
N ILE A 405 -4.83 -4.11 -20.81
CA ILE A 405 -4.75 -3.54 -22.15
C ILE A 405 -3.99 -4.55 -23.00
N LEU A 406 -4.54 -4.85 -24.17
CA LEU A 406 -3.90 -5.78 -25.10
C LEU A 406 -3.28 -5.00 -26.24
N TYR A 407 -2.00 -5.25 -26.51
CA TYR A 407 -1.28 -4.68 -27.63
C TYR A 407 -0.98 -5.83 -28.59
N ARG A 408 -1.49 -5.73 -29.82
CA ARG A 408 -1.35 -6.79 -30.82
C ARG A 408 -0.68 -6.23 -32.09
N THR A 409 0.20 -7.02 -32.68
CA THR A 409 0.83 -6.65 -33.96
C THR A 409 1.14 -7.93 -34.74
N SER A 410 1.66 -7.76 -35.95
CA SER A 410 2.12 -8.93 -36.70
C SER A 410 3.60 -8.75 -37.00
N LEU A 411 4.30 -9.86 -37.13
CA LEU A 411 5.76 -9.82 -37.22
C LEU A 411 6.21 -10.36 -38.56
N SER A 412 7.38 -9.92 -38.99
CA SER A 412 8.02 -10.41 -40.23
C SER A 412 8.71 -11.76 -40.02
N ALA A 413 8.87 -12.51 -41.11
CA ALA A 413 9.55 -13.81 -41.04
C ALA A 413 10.98 -13.68 -40.50
N SER A 414 11.40 -14.69 -39.75
CA SER A 414 12.76 -14.76 -39.22
C SER A 414 13.16 -16.22 -39.10
N ASP A 415 14.29 -16.59 -39.70
CA ASP A 415 14.82 -17.96 -39.57
C ASP A 415 15.47 -18.21 -38.22
N LYS A 416 15.92 -17.17 -37.52
CA LYS A 416 16.58 -17.32 -36.23
C LYS A 416 15.72 -16.84 -35.07
N GLU A 417 16.08 -17.30 -33.88
CA GLU A 417 15.48 -16.79 -32.67
C GLU A 417 15.83 -15.30 -32.53
N GLN A 418 14.92 -14.58 -31.91
CA GLN A 418 15.09 -13.18 -31.58
C GLN A 418 14.67 -12.96 -30.12
N THR A 419 15.05 -11.82 -29.57
CA THR A 419 14.61 -11.44 -28.26
C THR A 419 13.62 -10.25 -28.38
N LEU A 420 12.48 -10.35 -27.72
CA LEU A 420 11.52 -9.26 -27.62
C LEU A 420 11.81 -8.48 -26.31
N LEU A 421 11.99 -7.16 -26.41
CA LEU A 421 12.28 -6.30 -25.28
C LEU A 421 11.06 -5.39 -25.08
N ILE A 422 10.39 -5.51 -23.93
CA ILE A 422 9.26 -4.67 -23.62
C ILE A 422 9.64 -3.66 -22.53
N THR A 423 9.59 -2.36 -22.86
CA THR A 423 10.08 -1.31 -22.00
C THR A 423 8.96 -0.30 -21.66
N GLU A 424 8.36 -0.30 -20.46
CA GLU A 424 8.40 -1.39 -19.47
CA GLU A 424 8.40 -1.37 -19.45
C GLU A 424 6.95 -1.81 -19.26
N ALA A 425 6.72 -3.08 -18.95
CA ALA A 425 5.36 -3.55 -18.70
C ALA A 425 4.91 -3.18 -17.28
N HIS A 426 3.89 -2.34 -17.20
CA HIS A 426 3.26 -1.93 -15.97
C HIS A 426 1.82 -2.52 -15.95
N ASP A 427 1.58 -3.68 -15.36
CA ASP A 427 2.43 -4.34 -14.36
C ASP A 427 2.69 -5.82 -14.55
N TRP A 428 1.83 -6.54 -15.25
CA TRP A 428 1.92 -8.00 -15.32
C TRP A 428 1.46 -8.43 -16.69
N ALA A 429 2.42 -8.85 -17.53
CA ALA A 429 2.18 -9.01 -18.96
C ALA A 429 2.31 -10.48 -19.32
N GLN A 430 1.38 -10.94 -20.15
CA GLN A 430 1.49 -12.28 -20.78
C GLN A 430 1.69 -12.05 -22.28
N VAL A 431 2.67 -12.75 -22.83
CA VAL A 431 3.05 -12.60 -24.22
C VAL A 431 2.67 -13.90 -24.93
N PHE A 432 1.94 -13.76 -26.04
CA PHE A 432 1.44 -14.88 -26.84
C PHE A 432 1.88 -14.73 -28.29
N LEU A 433 2.17 -15.86 -28.93
CA LEU A 433 2.54 -15.89 -30.33
C LEU A 433 1.55 -16.84 -31.01
N ASN A 434 0.79 -16.33 -31.97
CA ASN A 434 -0.34 -17.06 -32.56
C ASN A 434 -1.22 -17.72 -31.49
N GLY A 435 -1.47 -16.98 -30.41
CA GLY A 435 -2.32 -17.48 -29.33
C GLY A 435 -1.69 -18.46 -28.33
N LYS A 436 -0.44 -18.85 -28.52
CA LYS A 436 0.24 -19.74 -27.57
C LYS A 436 1.07 -18.90 -26.60
N LYS A 437 0.88 -19.08 -25.30
CA LYS A 437 1.62 -18.25 -24.34
C LYS A 437 3.12 -18.61 -24.34
N LEU A 438 3.98 -17.60 -24.52
CA LEU A 438 5.44 -17.79 -24.44
C LEU A 438 6.05 -17.45 -23.10
N ALA A 439 5.53 -16.45 -22.40
CA ALA A 439 6.10 -15.96 -21.16
C ALA A 439 5.14 -15.03 -20.42
N THR A 440 5.43 -14.88 -19.13
CA THR A 440 4.83 -13.90 -18.27
C THR A 440 5.92 -12.98 -17.74
N LEU A 441 5.68 -11.67 -17.80
CA LEU A 441 6.65 -10.67 -17.37
C LEU A 441 6.03 -9.85 -16.26
N SER A 442 6.68 -9.85 -15.10
CA SER A 442 6.15 -9.16 -13.92
C SER A 442 7.01 -7.97 -13.56
N ARG A 443 6.34 -6.83 -13.31
CA ARG A 443 7.00 -5.65 -12.80
C ARG A 443 7.57 -5.88 -11.40
N LEU A 444 7.00 -6.81 -10.62
CA LEU A 444 7.53 -7.12 -9.28
C LEU A 444 8.96 -7.66 -9.37
N LYS A 445 9.30 -8.25 -10.53
CA LYS A 445 10.58 -8.89 -10.80
C LYS A 445 11.45 -8.13 -11.79
N GLY A 446 10.98 -6.98 -12.25
CA GLY A 446 11.68 -6.15 -13.22
C GLY A 446 11.85 -6.77 -14.58
N GLU A 447 10.92 -7.65 -14.98
CA GLU A 447 11.07 -8.45 -16.20
C GLU A 447 10.65 -7.69 -17.46
N GLY A 448 11.38 -7.91 -18.55
CA GLY A 448 10.98 -7.35 -19.80
C GLY A 448 11.45 -8.02 -21.08
N VAL A 449 11.95 -9.26 -21.01
CA VAL A 449 12.55 -9.90 -22.18
CA VAL A 449 12.51 -9.90 -22.20
C VAL A 449 11.91 -11.27 -22.44
N VAL A 450 11.64 -11.57 -23.71
CA VAL A 450 11.07 -12.86 -24.11
C VAL A 450 11.84 -13.40 -25.31
N LYS A 451 12.25 -14.67 -25.25
CA LYS A 451 12.85 -15.32 -26.41
C LYS A 451 11.73 -15.78 -27.39
N LEU A 452 11.85 -15.35 -28.64
CA LEU A 452 10.91 -15.74 -29.69
C LEU A 452 11.51 -16.84 -30.55
N PRO A 453 10.71 -17.83 -30.94
CA PRO A 453 11.19 -18.84 -31.88
C PRO A 453 11.32 -18.24 -33.28
N PRO A 454 11.89 -18.99 -34.24
CA PRO A 454 11.76 -18.59 -35.65
C PRO A 454 10.30 -18.28 -36.01
N LEU A 455 10.10 -17.23 -36.82
CA LEU A 455 8.78 -16.71 -37.17
C LEU A 455 8.44 -16.90 -38.64
N LYS A 456 7.18 -17.21 -38.91
CA LYS A 456 6.62 -17.08 -40.26
C LYS A 456 6.06 -15.67 -40.48
N GLU A 457 6.09 -15.21 -41.73
CA GLU A 457 5.52 -13.92 -42.11
C GLU A 457 4.07 -13.78 -41.61
N GLY A 458 3.79 -12.69 -40.91
CA GLY A 458 2.45 -12.45 -40.38
C GLY A 458 2.10 -13.11 -39.05
N ASP A 459 3.07 -13.71 -38.36
CA ASP A 459 2.80 -14.29 -37.04
C ASP A 459 2.30 -13.20 -36.10
N ARG A 460 1.31 -13.58 -35.29
CA ARG A 460 0.56 -12.63 -34.45
C ARG A 460 1.19 -12.56 -33.06
N LEU A 461 1.66 -11.38 -32.67
CA LEU A 461 2.18 -11.12 -31.34
C LEU A 461 1.11 -10.41 -30.50
N ASP A 462 0.80 -10.97 -29.34
CA ASP A 462 -0.16 -10.40 -28.41
C ASP A 462 0.57 -10.15 -27.08
N ILE A 463 0.51 -8.92 -26.56
CA ILE A 463 1.06 -8.61 -25.24
C ILE A 463 -0.11 -8.10 -24.41
N LEU A 464 -0.64 -8.94 -23.52
CA LEU A 464 -1.74 -8.56 -22.62
C LEU A 464 -1.17 -8.07 -21.29
N VAL A 465 -1.35 -6.78 -20.98
CA VAL A 465 -0.79 -6.17 -19.78
C VAL A 465 -1.89 -5.88 -18.77
N GLU A 466 -1.85 -6.55 -17.62
CA GLU A 466 -2.75 -6.21 -16.53
C GLU A 466 -2.11 -5.09 -15.71
N ALA A 467 -2.89 -4.04 -15.41
CA ALA A 467 -2.48 -2.98 -14.51
C ALA A 467 -3.03 -3.33 -13.12
N MET A 468 -2.14 -3.40 -12.15
CA MET A 468 -2.53 -3.43 -10.73
C MET A 468 -2.67 -1.98 -10.27
N GLY A 469 -2.72 -1.74 -8.96
CA GLY A 469 -2.85 -0.40 -8.43
C GLY A 469 -1.68 0.49 -8.81
N ARG A 470 -1.96 1.76 -8.99
CA ARG A 470 -0.90 2.75 -9.12
C ARG A 470 -0.22 2.94 -7.77
N MET A 471 1.12 3.04 -7.79
CA MET A 471 1.90 3.21 -6.57
C MET A 471 1.38 4.41 -5.77
N ASN A 472 1.33 4.26 -4.46
CA ASN A 472 0.72 5.26 -3.59
C ASN A 472 1.67 6.05 -2.69
N PHE A 473 2.98 5.95 -2.91
CA PHE A 473 3.99 6.41 -1.96
C PHE A 473 5.23 6.88 -2.72
N GLY A 474 5.89 7.89 -2.20
CA GLY A 474 7.11 8.43 -2.80
C GLY A 474 6.85 8.95 -4.20
N LYS A 475 7.89 8.90 -5.04
CA LYS A 475 7.75 9.24 -6.43
C LYS A 475 7.07 8.15 -7.29
N GLY A 476 6.67 7.03 -6.69
CA GLY A 476 5.94 6.00 -7.41
C GLY A 476 4.58 6.42 -7.95
N ILE A 477 3.99 7.50 -7.40
CA ILE A 477 2.71 8.02 -7.88
C ILE A 477 2.75 8.41 -9.36
N TYR A 478 3.93 8.70 -9.92
CA TYR A 478 4.07 8.83 -11.37
C TYR A 478 4.03 7.46 -12.04
N ASP A 479 2.83 6.89 -12.12
CA ASP A 479 2.63 5.48 -12.51
C ASP A 479 1.67 5.37 -13.69
N TRP A 480 2.24 5.42 -14.89
CA TRP A 480 1.49 5.22 -16.12
C TRP A 480 1.43 3.71 -16.37
N LYS A 481 0.28 3.21 -16.77
CA LYS A 481 0.09 1.76 -16.91
C LYS A 481 0.03 1.30 -18.37
N GLY A 482 0.29 0.00 -18.59
CA GLY A 482 0.39 -0.56 -19.94
C GLY A 482 1.85 -0.78 -20.26
N ILE A 483 2.25 -0.49 -21.49
CA ILE A 483 3.67 -0.47 -21.83
C ILE A 483 4.09 1.00 -21.83
N THR A 484 5.11 1.34 -21.06
CA THR A 484 5.40 2.75 -20.78
C THR A 484 6.07 3.49 -21.94
N GLU A 485 6.87 2.78 -22.72
CA GLU A 485 7.66 3.45 -23.76
C GLU A 485 7.63 2.74 -25.11
N LYS A 486 8.11 1.51 -25.20
CA LYS A 486 8.32 0.90 -26.50
C LYS A 486 8.48 -0.61 -26.42
N VAL A 487 8.37 -1.24 -27.59
CA VAL A 487 8.65 -2.65 -27.79
C VAL A 487 9.67 -2.76 -28.91
N GLU A 488 10.70 -3.60 -28.71
CA GLU A 488 11.78 -3.78 -29.69
C GLU A 488 12.05 -5.25 -29.93
N LEU A 489 12.59 -5.55 -31.12
CA LEU A 489 13.08 -6.88 -31.46
C LEU A 489 14.58 -6.80 -31.55
N GLN A 490 15.26 -7.74 -30.89
CA GLN A 490 16.72 -7.80 -30.87
C GLN A 490 17.13 -9.08 -31.62
N SER A 491 18.01 -8.91 -32.61
CA SER A 491 18.58 -10.06 -33.37
C SER A 491 20.09 -9.86 -33.38
N ASP A 492 20.84 -10.75 -34.03
CA ASP A 492 22.29 -10.51 -34.17
C ASP A 492 22.58 -9.26 -35.01
N LYS A 493 21.67 -8.92 -35.94
CA LYS A 493 21.75 -7.70 -36.76
C LYS A 493 21.66 -6.36 -36.00
N GLY A 494 20.92 -6.32 -34.90
CA GLY A 494 20.63 -5.05 -34.22
C GLY A 494 19.34 -5.10 -33.43
N VAL A 495 18.85 -3.91 -33.11
CA VAL A 495 17.64 -3.71 -32.32
C VAL A 495 16.72 -2.79 -33.12
N GLU A 496 15.47 -3.24 -33.32
CA GLU A 496 14.49 -2.56 -34.15
C GLU A 496 13.26 -2.31 -33.33
N LEU A 497 12.78 -1.08 -33.33
CA LEU A 497 11.50 -0.79 -32.71
C LEU A 497 10.35 -1.43 -33.50
N VAL A 498 9.36 -1.97 -32.78
CA VAL A 498 8.22 -2.63 -33.35
C VAL A 498 7.05 -1.67 -33.37
N LYS A 499 6.47 -1.46 -34.55
CA LYS A 499 5.36 -0.51 -34.74
C LYS A 499 4.11 -1.19 -35.34
N ASP A 500 3.04 -0.42 -35.42
CA ASP A 500 1.75 -0.80 -36.03
C ASP A 500 0.95 -1.74 -35.14
N TRP A 501 0.26 -1.15 -34.17
CA TRP A 501 -0.39 -1.91 -33.12
C TRP A 501 -1.90 -1.83 -33.24
N GLN A 502 -2.56 -2.87 -32.76
CA GLN A 502 -3.98 -2.86 -32.49
C GLN A 502 -4.12 -2.92 -30.97
N VAL A 503 -4.89 -2.01 -30.42
CA VAL A 503 -4.94 -1.82 -28.95
C VAL A 503 -6.36 -2.05 -28.46
N TYR A 504 -6.51 -2.92 -27.47
CA TYR A 504 -7.81 -3.29 -26.93
C TYR A 504 -7.83 -2.97 -25.43
N THR A 505 -8.70 -2.03 -25.06
CA THR A 505 -8.95 -1.71 -23.65
C THR A 505 -9.89 -2.77 -23.05
N ILE A 506 -9.45 -3.36 -21.94
CA ILE A 506 -10.21 -4.36 -21.20
C ILE A 506 -10.55 -3.72 -19.83
N PRO A 507 -11.67 -2.99 -19.75
CA PRO A 507 -11.91 -2.22 -18.53
C PRO A 507 -12.42 -3.08 -17.38
N VAL A 508 -12.37 -2.53 -16.17
CA VAL A 508 -12.81 -3.29 -14.99
C VAL A 508 -14.31 -3.27 -14.77
N ASP A 509 -15.05 -2.51 -15.58
CA ASP A 509 -16.50 -2.33 -15.32
C ASP A 509 -17.24 -3.67 -15.31
N TYR A 510 -18.08 -3.89 -14.30
CA TYR A 510 -18.93 -5.07 -14.28
C TYR A 510 -19.72 -5.30 -15.60
N SER A 511 -20.26 -4.21 -16.16
CA SER A 511 -21.04 -4.30 -17.42
C SER A 511 -20.23 -4.97 -18.53
N PHE A 512 -18.92 -4.68 -18.57
CA PHE A 512 -18.01 -5.31 -19.55
C PHE A 512 -17.85 -6.81 -19.29
N ALA A 513 -17.69 -7.20 -18.01
CA ALA A 513 -17.61 -8.60 -17.65
C ALA A 513 -18.90 -9.36 -17.93
N ARG A 514 -20.04 -8.71 -17.69
CA ARG A 514 -21.34 -9.37 -17.91
CA ARG A 514 -21.36 -9.33 -17.90
C ARG A 514 -21.61 -9.54 -19.39
N ASP A 515 -21.24 -8.55 -20.20
CA ASP A 515 -21.48 -8.56 -21.66
C ASP A 515 -20.39 -9.37 -22.41
N LYS A 516 -20.46 -10.69 -22.24
CA LYS A 516 -19.55 -11.60 -22.91
C LYS A 516 -20.35 -12.82 -23.35
N GLN A 517 -19.82 -13.55 -24.32
CA GLN A 517 -20.52 -14.72 -24.84
C GLN A 517 -20.11 -15.95 -24.06
N TYR A 518 -20.79 -16.19 -22.94
CA TYR A 518 -20.49 -17.33 -22.09
C TYR A 518 -21.00 -18.61 -22.71
N LYS A 519 -20.17 -19.65 -22.69
CA LYS A 519 -20.54 -20.96 -23.26
C LYS A 519 -20.10 -22.01 -22.29
N GLN A 520 -20.80 -23.13 -22.25
CA GLN A 520 -20.38 -24.30 -21.45
C GLN A 520 -19.13 -24.81 -22.12
N GLN A 521 -18.03 -24.86 -21.38
CA GLN A 521 -16.71 -24.98 -21.98
C GLN A 521 -15.70 -25.23 -20.83
N GLU A 522 -14.58 -25.89 -21.14
CA GLU A 522 -13.44 -26.06 -20.21
C GLU A 522 -12.19 -25.39 -20.81
N ASN A 523 -11.29 -24.90 -19.96
CA ASN A 523 -10.11 -24.16 -20.41
C ASN A 523 -8.93 -25.11 -20.54
N ALA A 524 -8.80 -25.77 -21.69
CA ALA A 524 -7.68 -26.70 -21.94
C ALA A 524 -6.31 -26.00 -22.02
N GLU A 525 -6.27 -24.77 -22.55
CA GLU A 525 -5.01 -24.05 -22.79
C GLU A 525 -4.68 -22.89 -21.84
N ASN A 526 -5.39 -22.79 -20.72
CA ASN A 526 -5.08 -21.79 -19.71
C ASN A 526 -5.03 -20.34 -20.23
N GLN A 527 -5.88 -20.05 -21.19
CA GLN A 527 -5.97 -18.71 -21.72
C GLN A 527 -6.73 -17.82 -20.73
N PRO A 528 -6.46 -16.51 -20.74
CA PRO A 528 -7.29 -15.57 -19.98
C PRO A 528 -8.78 -15.70 -20.33
N ALA A 529 -9.65 -15.75 -19.32
CA ALA A 529 -11.08 -15.96 -19.57
C ALA A 529 -11.92 -15.44 -18.41
N TYR A 530 -13.16 -15.06 -18.72
CA TYR A 530 -14.20 -14.81 -17.73
C TYR A 530 -14.94 -16.11 -17.47
N TYR A 531 -15.28 -16.36 -16.20
CA TYR A 531 -15.98 -17.56 -15.80
C TYR A 531 -17.23 -17.11 -15.07
N ARG A 532 -18.36 -17.78 -15.28
CA ARG A 532 -19.62 -17.32 -14.68
C ARG A 532 -20.37 -18.49 -14.13
N SER A 533 -21.02 -18.28 -13.00
CA SER A 533 -21.96 -19.29 -12.49
C SER A 533 -23.06 -18.58 -11.74
N THR A 534 -24.17 -19.29 -11.53
CA THR A 534 -25.19 -18.77 -10.62
C THR A 534 -25.34 -19.80 -9.53
N PHE A 535 -25.79 -19.35 -8.37
CA PHE A 535 -26.04 -20.28 -7.26
C PHE A 535 -27.16 -19.75 -6.38
N ASN A 536 -27.88 -20.67 -5.75
CA ASN A 536 -28.97 -20.31 -4.85
C ASN A 536 -28.52 -20.15 -3.38
N LEU A 537 -29.14 -19.20 -2.68
CA LEU A 537 -28.99 -19.03 -1.23
C LEU A 537 -30.36 -18.89 -0.56
N ASN A 538 -30.57 -19.67 0.51
CA ASN A 538 -31.79 -19.56 1.34
C ASN A 538 -31.57 -18.77 2.64
N GLU A 539 -30.32 -18.52 3.02
CA GLU A 539 -30.00 -17.67 4.17
C GLU A 539 -28.66 -17.02 3.91
N LEU A 540 -28.52 -15.80 4.43
CA LEU A 540 -27.42 -14.91 4.09
C LEU A 540 -26.48 -14.69 5.26
N GLY A 541 -25.22 -14.39 4.93
CA GLY A 541 -24.25 -13.96 5.90
C GLY A 541 -22.98 -13.62 5.13
N ASP A 542 -22.02 -13.06 5.83
CA ASP A 542 -20.67 -12.85 5.27
C ASP A 542 -20.06 -14.19 4.94
N THR A 543 -19.22 -14.19 3.93
CA THR A 543 -18.50 -15.40 3.59
C THR A 543 -17.14 -15.02 3.03
N PHE A 544 -16.28 -16.02 2.86
CA PHE A 544 -14.91 -15.80 2.39
C PHE A 544 -14.70 -16.73 1.20
N LEU A 545 -14.59 -16.11 0.02
CA LEU A 545 -14.55 -16.85 -1.24
C LEU A 545 -13.16 -17.43 -1.44
N ASN A 546 -13.09 -18.75 -1.57
CA ASN A 546 -11.79 -19.44 -1.64
C ASN A 546 -11.23 -19.37 -3.05
N MET A 547 -10.12 -18.64 -3.23
CA MET A 547 -9.48 -18.53 -4.52
C MET A 547 -8.27 -19.44 -4.68
N MET A 548 -8.10 -20.44 -3.81
CA MET A 548 -6.94 -21.33 -3.89
CA MET A 548 -6.95 -21.35 -3.88
C MET A 548 -6.78 -22.04 -5.24
N ASN A 549 -7.90 -22.39 -5.89
CA ASN A 549 -7.86 -23.05 -7.20
C ASN A 549 -7.51 -22.14 -8.38
N TRP A 550 -7.41 -20.83 -8.17
CA TRP A 550 -7.42 -19.85 -9.24
C TRP A 550 -6.02 -19.24 -9.38
N SER A 551 -5.76 -18.53 -10.47
CA SER A 551 -4.40 -18.04 -10.76
C SER A 551 -4.21 -16.58 -10.29
N LYS A 552 -4.77 -15.66 -11.06
CA LYS A 552 -4.66 -14.22 -10.81
C LYS A 552 -5.82 -13.52 -11.49
N GLY A 553 -6.47 -12.56 -10.84
CA GLY A 553 -7.52 -11.84 -11.52
C GLY A 553 -8.36 -11.00 -10.59
N MET A 554 -9.67 -10.97 -10.85
CA MET A 554 -10.63 -10.22 -10.02
C MET A 554 -12.01 -10.84 -10.11
N VAL A 555 -12.89 -10.49 -9.18
CA VAL A 555 -14.16 -11.16 -9.03
C VAL A 555 -15.29 -10.15 -8.87
N TRP A 556 -16.47 -10.50 -9.41
CA TRP A 556 -17.70 -9.76 -9.14
C TRP A 556 -18.76 -10.71 -8.59
N VAL A 557 -19.47 -10.26 -7.56
CA VAL A 557 -20.56 -11.05 -6.95
C VAL A 557 -21.79 -10.15 -6.94
N ASN A 558 -22.84 -10.58 -7.65
CA ASN A 558 -24.03 -9.79 -7.90
C ASN A 558 -23.73 -8.36 -8.36
N GLY A 559 -22.73 -8.25 -9.24
CA GLY A 559 -22.32 -6.96 -9.76
C GLY A 559 -21.28 -6.21 -8.92
N HIS A 560 -21.08 -6.60 -7.67
CA HIS A 560 -20.16 -5.91 -6.77
C HIS A 560 -18.74 -6.37 -7.03
N ALA A 561 -17.82 -5.42 -7.21
CA ALA A 561 -16.44 -5.78 -7.48
C ALA A 561 -15.74 -6.08 -6.14
N ILE A 562 -15.46 -7.36 -5.89
CA ILE A 562 -14.94 -7.88 -4.64
CA ILE A 562 -14.95 -7.73 -4.58
C ILE A 562 -13.44 -7.63 -4.44
N GLY A 563 -12.70 -7.48 -5.54
CA GLY A 563 -11.25 -7.24 -5.48
C GLY A 563 -10.38 -8.24 -6.21
N ARG A 564 -9.06 -8.06 -6.09
CA ARG A 564 -8.08 -8.84 -6.83
C ARG A 564 -7.68 -10.04 -6.02
N TYR A 565 -7.28 -11.09 -6.71
CA TYR A 565 -6.70 -12.25 -6.08
C TYR A 565 -5.46 -12.66 -6.82
N TRP A 566 -4.63 -13.43 -6.14
CA TRP A 566 -3.37 -13.95 -6.77
C TRP A 566 -2.89 -15.16 -5.98
N GLU A 567 -2.69 -16.29 -6.67
CA GLU A 567 -2.31 -17.56 -6.03
C GLU A 567 -1.04 -17.51 -5.16
N ILE A 568 -0.15 -16.55 -5.40
CA ILE A 568 1.07 -16.43 -4.58
C ILE A 568 0.80 -16.04 -3.12
N GLY A 569 -0.41 -15.56 -2.83
CA GLY A 569 -0.77 -15.19 -1.49
C GLY A 569 -0.03 -13.95 -1.00
N PRO A 570 0.03 -13.71 0.30
CA PRO A 570 -0.47 -14.61 1.36
C PRO A 570 -1.98 -14.73 1.43
N GLN A 571 -2.71 -13.73 0.94
CA GLN A 571 -4.18 -13.80 0.91
C GLN A 571 -4.65 -14.82 -0.09
N GLN A 572 -5.52 -15.74 0.32
CA GLN A 572 -6.13 -16.73 -0.60
C GLN A 572 -7.67 -16.71 -0.63
N THR A 573 -8.30 -15.96 0.29
CA THR A 573 -9.75 -15.76 0.25
C THR A 573 -10.08 -14.29 0.03
N LEU A 574 -11.23 -14.07 -0.59
CA LEU A 574 -11.82 -12.73 -0.76
C LEU A 574 -13.04 -12.59 0.13
N TYR A 575 -13.04 -11.55 0.95
CA TYR A 575 -14.22 -11.26 1.80
C TYR A 575 -15.40 -10.88 0.93
N VAL A 576 -16.53 -11.56 1.15
CA VAL A 576 -17.76 -11.25 0.46
C VAL A 576 -18.81 -10.87 1.51
N PRO A 577 -19.12 -9.58 1.62
CA PRO A 577 -20.13 -9.14 2.59
C PRO A 577 -21.49 -9.75 2.29
N GLY A 578 -22.16 -10.22 3.34
CA GLY A 578 -23.51 -10.76 3.20
C GLY A 578 -24.53 -9.79 2.65
N CYS A 579 -24.32 -8.50 2.88
CA CYS A 579 -25.16 -7.47 2.31
C CYS A 579 -25.06 -7.35 0.77
N TRP A 580 -24.06 -7.97 0.16
CA TRP A 580 -23.96 -8.07 -1.31
C TRP A 580 -24.46 -9.40 -1.89
N LEU A 581 -24.95 -10.29 -1.03
CA LEU A 581 -25.58 -11.55 -1.42
C LEU A 581 -27.08 -11.32 -1.34
N LYS A 582 -27.83 -12.22 -1.98
CA LYS A 582 -29.29 -12.13 -2.01
C LYS A 582 -29.92 -13.49 -1.86
N LYS A 583 -31.13 -13.51 -1.31
CA LYS A 583 -31.92 -14.74 -1.32
C LYS A 583 -32.28 -15.11 -2.74
N GLY A 584 -32.27 -16.39 -3.05
CA GLY A 584 -32.56 -16.84 -4.39
C GLY A 584 -31.29 -16.87 -5.22
N GLU A 585 -31.41 -16.50 -6.50
CA GLU A 585 -30.30 -16.62 -7.46
C GLU A 585 -29.24 -15.54 -7.24
N ASN A 586 -27.98 -15.97 -7.18
CA ASN A 586 -26.83 -15.09 -7.07
C ASN A 586 -25.95 -15.36 -8.27
N GLU A 587 -25.19 -14.36 -8.69
CA GLU A 587 -24.25 -14.48 -9.80
C GLU A 587 -22.82 -14.24 -9.32
N ILE A 588 -21.90 -15.08 -9.78
CA ILE A 588 -20.47 -14.85 -9.61
C ILE A 588 -19.77 -14.87 -10.98
N ILE A 589 -18.96 -13.84 -11.24
CA ILE A 589 -18.08 -13.80 -12.40
C ILE A 589 -16.64 -13.67 -11.91
N ILE A 590 -15.75 -14.52 -12.44
CA ILE A 590 -14.33 -14.45 -12.14
C ILE A 590 -13.57 -14.18 -13.45
N LEU A 591 -12.77 -13.12 -13.48
CA LEU A 591 -11.79 -12.91 -14.55
C LEU A 591 -10.48 -13.52 -14.07
N ASP A 592 -10.06 -14.63 -14.71
CA ASP A 592 -8.86 -15.36 -14.34
C ASP A 592 -7.88 -15.31 -15.48
N MET A 593 -6.69 -14.80 -15.22
CA MET A 593 -5.77 -14.42 -16.30
C MET A 593 -4.95 -15.59 -16.87
N ALA A 594 -4.67 -16.60 -16.05
CA ALA A 594 -3.75 -17.66 -16.43
C ALA A 594 -4.26 -19.09 -16.30
N GLY A 595 -5.56 -19.23 -15.99
CA GLY A 595 -6.24 -20.51 -15.92
C GLY A 595 -6.24 -21.09 -14.53
N PRO A 596 -7.39 -21.58 -14.07
CA PRO A 596 -7.41 -22.19 -12.76
C PRO A 596 -6.93 -23.64 -12.84
N SER A 597 -6.48 -24.21 -11.71
CA SER A 597 -6.13 -25.63 -11.67
C SER A 597 -7.41 -26.48 -11.62
N LYS A 598 -8.48 -25.92 -11.07
CA LYS A 598 -9.81 -26.53 -11.09
C LYS A 598 -10.85 -25.40 -11.07
N ALA A 599 -11.84 -25.48 -11.97
CA ALA A 599 -12.81 -24.38 -12.17
C ALA A 599 -13.95 -24.50 -11.15
N GLU A 600 -13.58 -24.39 -9.88
CA GLU A 600 -14.49 -24.43 -8.73
C GLU A 600 -14.04 -23.45 -7.66
N THR A 601 -15.02 -22.88 -6.95
CA THR A 601 -14.73 -22.11 -5.74
C THR A 601 -15.76 -22.52 -4.71
N GLU A 602 -15.74 -21.83 -3.59
CA GLU A 602 -16.63 -22.12 -2.45
C GLU A 602 -16.55 -20.94 -1.49
N GLY A 603 -17.50 -20.88 -0.59
CA GLY A 603 -17.53 -19.87 0.46
C GLY A 603 -17.21 -20.53 1.79
N LEU A 604 -16.18 -20.01 2.46
CA LEU A 604 -15.76 -20.48 3.78
C LEU A 604 -16.25 -19.52 4.89
N ARG A 605 -16.38 -20.03 6.11
CA ARG A 605 -16.76 -19.17 7.24
C ARG A 605 -15.58 -18.41 7.89
N GLN A 606 -14.36 -18.75 7.50
CA GLN A 606 -13.13 -18.14 8.05
C GLN A 606 -12.22 -17.82 6.86
N PRO A 607 -11.45 -16.72 6.95
CA PRO A 607 -10.55 -16.39 5.83
C PRO A 607 -9.24 -17.17 5.82
N ILE A 608 -8.54 -17.09 4.70
CA ILE A 608 -7.17 -17.63 4.59
C ILE A 608 -6.29 -16.46 4.20
N LEU A 609 -5.51 -15.98 5.16
CA LEU A 609 -4.67 -14.76 4.96
C LEU A 609 -3.17 -14.98 5.00
N ASP A 610 -2.74 -16.22 5.19
CA ASP A 610 -1.36 -16.51 5.57
C ASP A 610 -0.76 -17.71 4.83
N VAL A 611 -1.04 -17.84 3.54
CA VAL A 611 -0.52 -18.94 2.76
C VAL A 611 0.24 -18.42 1.56
N GLN A 612 1.56 -18.49 1.62
CA GLN A 612 2.45 -18.12 0.51
C GLN A 612 2.66 -19.25 -0.45
N ARG A 613 2.62 -18.94 -1.76
CA ARG A 613 2.96 -19.91 -2.81
C ARG A 613 3.83 -19.24 -3.86
N GLY A 614 4.92 -18.64 -3.41
CA GLY A 614 5.88 -18.00 -4.35
C GLY A 614 6.87 -18.95 -5.00
N ASN A 615 7.70 -18.39 -5.89
CA ASN A 615 8.81 -19.10 -6.53
C ASN A 615 10.11 -18.80 -5.78
N GLY A 616 10.75 -19.83 -5.24
CA GLY A 616 12.00 -19.67 -4.51
C GLY A 616 11.77 -19.48 -3.03
N ALA A 617 12.79 -19.78 -2.22
CA ALA A 617 12.71 -19.63 -0.77
C ALA A 617 12.47 -18.16 -0.39
N TYR A 618 11.75 -17.96 0.71
CA TYR A 618 11.45 -16.62 1.23
C TYR A 618 12.65 -16.18 2.08
N ALA A 619 13.76 -15.84 1.41
CA ALA A 619 15.02 -15.51 2.09
C ALA A 619 15.97 -14.92 1.08
N HIS A 620 17.00 -14.24 1.57
CA HIS A 620 18.03 -13.67 0.73
C HIS A 620 19.36 -14.38 0.91
N ARG A 621 19.29 -15.65 1.37
CA ARG A 621 20.44 -16.54 1.34
C ARG A 621 19.94 -17.96 1.15
N LYS A 622 20.69 -18.71 0.36
CA LYS A 622 20.34 -20.11 0.09
C LYS A 622 21.53 -21.03 0.26
N MET A 623 21.30 -22.30 -0.01
CA MET A 623 22.34 -23.30 0.05
C MET A 623 23.54 -23.03 -0.87
N GLY A 624 24.69 -23.21 -0.28
CA GLY A 624 25.95 -23.02 -0.95
C GLY A 624 26.45 -21.61 -0.93
N GLU A 625 25.70 -20.69 -0.33
CA GLU A 625 26.10 -19.29 -0.27
C GLU A 625 26.76 -18.97 1.07
N ASN A 626 28.00 -18.49 0.99
CA ASN A 626 28.77 -18.10 2.16
C ASN A 626 29.62 -16.88 1.76
N LEU A 627 29.22 -15.69 2.18
CA LEU A 627 29.95 -14.47 1.86
C LEU A 627 31.38 -14.56 2.40
N ASP A 628 32.35 -14.25 1.55
CA ASP A 628 33.76 -14.34 1.85
C ASP A 628 34.39 -12.96 1.67
N LEU A 629 34.64 -12.29 2.80
CA LEU A 629 35.27 -10.95 2.80
C LEU A 629 36.80 -11.00 3.00
N THR A 630 37.41 -12.19 2.86
CA THR A 630 38.81 -12.33 3.23
C THR A 630 39.77 -11.53 2.38
N ASN A 631 39.49 -11.33 1.11
CA ASN A 631 40.42 -10.49 0.34
C ASN A 631 39.79 -9.13 -0.03
N GLU A 632 38.89 -8.65 0.83
CA GLU A 632 38.26 -7.33 0.66
C GLU A 632 38.76 -6.39 1.74
N THR A 633 38.96 -5.12 1.39
CA THR A 633 39.43 -4.12 2.33
C THR A 633 38.29 -3.13 2.57
N PRO A 634 37.90 -2.93 3.84
CA PRO A 634 36.77 -2.00 4.04
C PRO A 634 37.10 -0.55 3.65
N VAL A 635 36.09 0.16 3.18
CA VAL A 635 36.18 1.59 2.92
C VAL A 635 36.13 2.40 4.22
N TYR A 636 35.44 1.89 5.22
CA TYR A 636 35.23 2.61 6.46
C TYR A 636 34.95 1.60 7.57
N GLN A 637 35.46 1.89 8.76
CA GLN A 637 35.14 1.12 9.97
C GLN A 637 34.65 2.11 11.04
N GLY A 638 33.57 1.77 11.72
CA GLY A 638 32.95 2.69 12.62
C GLY A 638 32.25 2.04 13.78
N ILE A 639 31.66 2.93 14.57
CA ILE A 639 30.89 2.54 15.74
C ILE A 639 29.62 3.37 15.73
N PHE A 640 28.47 2.71 15.68
CA PHE A 640 27.20 3.43 15.79
C PHE A 640 26.93 3.79 17.26
N LYS A 641 26.34 4.96 17.49
CA LYS A 641 25.84 5.28 18.82
C LYS A 641 24.67 4.38 19.19
N SER A 642 24.46 4.25 20.49
CA SER A 642 23.33 3.51 21.06
C SER A 642 22.02 4.28 20.90
N GLY A 643 20.92 3.56 21.09
CA GLY A 643 19.58 4.16 21.08
C GLY A 643 19.04 4.48 19.68
N ASN A 644 17.96 5.27 19.67
CA ASN A 644 17.13 5.47 18.47
C ASN A 644 17.53 6.71 17.69
N GLY A 645 17.24 6.72 16.37
CA GLY A 645 17.41 7.88 15.54
C GLY A 645 18.44 7.70 14.44
N TRP A 646 18.32 8.52 13.41
CA TRP A 646 19.21 8.44 12.25
C TRP A 646 20.69 8.74 12.59
N GLN A 647 21.59 8.05 11.89
CA GLN A 647 23.03 8.29 12.01
C GLN A 647 23.56 8.46 10.61
N HIS A 648 24.29 9.57 10.39
CA HIS A 648 24.86 9.89 9.09
C HIS A 648 26.38 9.80 9.19
N VAL A 649 26.98 9.14 8.22
CA VAL A 649 28.40 8.85 8.18
C VAL A 649 28.99 9.29 6.85
N LYS A 650 30.01 10.14 6.89
CA LYS A 650 30.74 10.55 5.68
C LYS A 650 32.10 9.86 5.65
N PHE A 651 32.47 9.31 4.50
CA PHE A 651 33.69 8.54 4.40
C PHE A 651 34.92 9.43 4.18
N GLY A 652 34.73 10.71 3.87
CA GLY A 652 35.86 11.60 3.56
C GLY A 652 36.52 11.31 2.22
N LYS A 653 35.79 10.67 1.31
CA LYS A 653 36.30 10.31 -0.03
C LYS A 653 35.15 9.84 -0.94
N LYS A 654 35.44 9.68 -2.22
CA LYS A 654 34.46 9.31 -3.23
C LYS A 654 34.79 7.93 -3.78
N VAL A 655 33.82 7.02 -3.82
CA VAL A 655 34.09 5.66 -4.31
C VAL A 655 33.03 5.22 -5.29
N GLU A 656 33.45 4.85 -6.50
CA GLU A 656 32.51 4.32 -7.46
C GLU A 656 32.11 2.89 -7.05
N THR A 657 30.81 2.68 -7.00
CA THR A 657 30.19 1.56 -6.32
C THR A 657 29.09 0.95 -7.16
N ARG A 658 29.09 -0.38 -7.24
CA ARG A 658 27.94 -1.14 -7.72
C ARG A 658 27.33 -1.98 -6.60
N PHE A 659 28.17 -2.47 -5.69
CA PHE A 659 27.73 -3.32 -4.59
C PHE A 659 28.22 -2.72 -3.26
N PHE A 660 27.33 -2.75 -2.27
CA PHE A 660 27.56 -2.22 -0.93
C PHE A 660 27.37 -3.35 0.06
N CYS A 661 28.34 -3.53 0.96
CA CYS A 661 28.18 -4.51 2.05
C CYS A 661 28.39 -3.81 3.37
N LEU A 662 27.43 -3.98 4.29
CA LEU A 662 27.61 -3.58 5.69
C LEU A 662 27.79 -4.84 6.50
N GLU A 663 28.93 -4.93 7.19
CA GLU A 663 29.24 -6.07 8.06
C GLU A 663 29.13 -5.58 9.50
N ALA A 664 28.11 -6.06 10.20
CA ALA A 664 27.87 -5.76 11.59
C ALA A 664 28.70 -6.71 12.44
N LEU A 665 29.45 -6.18 13.40
CA LEU A 665 30.39 -6.97 14.18
C LEU A 665 29.89 -7.31 15.59
N ASN A 666 29.05 -6.46 16.15
CA ASN A 666 28.45 -6.72 17.44
C ASN A 666 27.30 -5.74 17.66
N ALA A 667 26.58 -5.93 18.77
CA ALA A 667 25.46 -5.13 19.17
C ALA A 667 25.64 -4.48 20.52
N HIS A 668 24.94 -3.38 20.75
CA HIS A 668 25.00 -2.67 22.02
C HIS A 668 24.61 -3.51 23.24
N ASP A 669 23.68 -4.45 23.07
CA ASP A 669 23.26 -5.28 24.19
C ASP A 669 24.14 -6.51 24.43
N GLY A 670 25.18 -6.70 23.62
CA GLY A 670 26.01 -7.88 23.69
C GLY A 670 25.41 -9.18 23.22
N LYS A 671 24.18 -9.13 22.68
CA LYS A 671 23.50 -10.34 22.22
C LYS A 671 23.82 -10.63 20.75
N ASP A 672 23.30 -11.74 20.24
CA ASP A 672 23.75 -12.28 18.94
C ASP A 672 23.08 -11.69 17.69
N PHE A 673 22.19 -10.70 17.86
CA PHE A 673 21.33 -10.25 16.73
C PHE A 673 21.68 -8.88 16.17
N ALA A 674 21.42 -8.71 14.86
CA ALA A 674 21.56 -7.40 14.21
C ALA A 674 20.20 -7.01 13.58
N ALA A 675 19.91 -5.71 13.54
CA ALA A 675 18.69 -5.23 12.93
C ALA A 675 18.93 -3.86 12.33
N ILE A 676 18.25 -3.59 11.23
CA ILE A 676 18.34 -2.33 10.53
C ILE A 676 16.93 -1.91 10.02
N ALA A 677 16.47 -0.69 10.35
CA ALA A 677 15.19 -0.19 9.84
C ALA A 677 15.27 0.43 8.45
N GLU A 678 16.30 1.22 8.18
CA GLU A 678 16.52 1.86 6.88
C GLU A 678 18.02 2.06 6.64
N LEU A 679 18.43 1.93 5.39
CA LEU A 679 19.78 2.30 4.95
C LEU A 679 19.65 3.23 3.75
N GLU A 680 20.42 4.30 3.74
CA GLU A 680 20.58 5.14 2.53
C GLU A 680 22.05 5.20 2.18
N LEU A 681 22.37 5.41 0.91
CA LEU A 681 23.75 5.71 0.52
C LEU A 681 23.80 7.12 0.00
N LEU A 682 24.86 7.85 0.36
CA LEU A 682 25.00 9.29 0.03
C LEU A 682 25.86 9.44 -1.23
N GLY A 683 25.35 10.22 -2.18
CA GLY A 683 26.01 10.42 -3.48
C GLY A 683 27.01 11.57 -3.42
N GLU A 684 27.46 12.02 -4.60
CA GLU A 684 28.45 13.13 -4.68
C GLU A 684 28.00 14.43 -4.03
N ASP A 685 26.70 14.72 -4.15
CA ASP A 685 26.07 15.88 -3.50
C ASP A 685 25.78 15.71 -2.02
N GLY A 686 26.12 14.55 -1.44
CA GLY A 686 25.91 14.31 -0.02
C GLY A 686 24.49 13.91 0.35
N LYS A 687 23.62 13.74 -0.65
CA LYS A 687 22.23 13.38 -0.41
C LYS A 687 21.95 11.93 -0.84
N PRO A 688 20.87 11.33 -0.32
CA PRO A 688 20.58 9.94 -0.64
C PRO A 688 20.38 9.65 -2.12
N VAL A 689 21.00 8.59 -2.61
CA VAL A 689 20.76 8.10 -3.95
C VAL A 689 19.39 7.42 -4.04
N SER A 690 18.83 7.38 -5.24
CA SER A 690 17.61 6.65 -5.48
C SER A 690 17.80 5.16 -5.20
N ARG A 691 16.86 4.58 -4.49
CA ARG A 691 16.84 3.14 -4.18
C ARG A 691 15.85 2.34 -5.04
N GLN A 692 15.33 2.97 -6.11
CA GLN A 692 14.30 2.37 -6.98
C GLN A 692 14.75 1.03 -7.55
N HIS A 693 16.01 0.94 -7.93
CA HIS A 693 16.57 -0.26 -8.54
C HIS A 693 17.41 -1.13 -7.62
N TRP A 694 17.38 -0.89 -6.30
CA TRP A 694 18.20 -1.67 -5.38
C TRP A 694 17.71 -3.10 -5.29
N LYS A 695 18.63 -4.00 -4.98
CA LYS A 695 18.35 -5.39 -4.77
C LYS A 695 19.19 -5.93 -3.62
N VAL A 696 18.59 -6.66 -2.68
CA VAL A 696 19.38 -7.40 -1.69
C VAL A 696 19.90 -8.68 -2.36
N ILE A 697 21.22 -8.75 -2.50
CA ILE A 697 21.92 -9.92 -3.05
C ILE A 697 22.17 -10.99 -1.97
N TYR A 698 22.31 -10.55 -0.72
CA TYR A 698 22.67 -11.44 0.39
C TYR A 698 22.35 -10.82 1.72
N ALA A 699 21.80 -11.62 2.60
CA ALA A 699 21.72 -11.32 4.00
C ALA A 699 22.08 -12.62 4.73
N ASP A 700 22.98 -12.57 5.70
CA ASP A 700 23.45 -13.81 6.31
C ASP A 700 22.37 -14.58 7.02
N SER A 701 21.39 -13.87 7.56
CA SER A 701 20.33 -14.49 8.37
C SER A 701 19.15 -13.52 8.43
N GLU A 702 17.94 -14.05 8.50
CA GLU A 702 16.71 -13.24 8.53
C GLU A 702 15.70 -13.95 9.41
N GLU A 703 14.98 -13.22 10.24
CA GLU A 703 13.80 -13.78 10.92
C GLU A 703 12.59 -13.64 10.01
N THR A 704 12.03 -14.77 9.62
CA THR A 704 10.80 -14.79 8.82
C THR A 704 9.70 -15.72 9.39
N ASP A 705 9.87 -16.25 10.60
CA ASP A 705 8.85 -17.10 11.25
C ASP A 705 8.08 -16.40 12.35
N ALA A 706 8.79 -15.83 13.32
CA ALA A 706 8.14 -15.11 14.42
C ALA A 706 7.67 -13.70 14.01
N ALA A 707 8.19 -13.21 12.89
CA ALA A 707 7.88 -11.89 12.36
C ALA A 707 8.37 -11.85 10.94
N ASN A 708 8.07 -10.76 10.24
CA ASN A 708 8.48 -10.62 8.86
C ASN A 708 9.62 -9.61 8.77
N ASN A 709 10.81 -10.04 9.22
CA ASN A 709 12.00 -9.16 9.22
C ASN A 709 12.95 -9.45 8.06
N ILE A 710 12.36 -9.67 6.90
CA ILE A 710 13.04 -9.83 5.62
C ILE A 710 13.96 -8.64 5.28
N ALA A 711 15.09 -8.92 4.62
CA ALA A 711 16.15 -7.91 4.46
C ALA A 711 15.78 -6.70 3.60
N THR A 712 14.81 -6.84 2.70
CA THR A 712 14.37 -5.68 1.87
C THR A 712 13.66 -4.62 2.72
N ASN A 713 13.35 -4.96 3.97
CA ASN A 713 12.82 -3.96 4.91
C ASN A 713 13.78 -2.78 5.12
N VAL A 714 15.05 -2.91 4.74
CA VAL A 714 15.95 -1.77 4.88
C VAL A 714 15.75 -0.68 3.83
N PHE A 715 14.97 -0.93 2.76
CA PHE A 715 14.72 0.10 1.76
C PHE A 715 13.27 0.22 1.31
N ASP A 716 12.36 0.00 2.24
CA ASP A 716 10.94 0.19 1.96
C ASP A 716 10.42 1.57 2.32
N LEU A 717 11.30 2.46 2.80
CA LEU A 717 10.93 3.82 3.22
C LEU A 717 9.85 3.73 4.29
N GLN A 718 10.05 2.80 5.20
CA GLN A 718 9.18 2.63 6.36
C GLN A 718 10.12 2.47 7.58
N GLU A 719 10.11 3.48 8.45
CA GLU A 719 11.02 3.49 9.63
C GLU A 719 10.53 2.47 10.68
N SER A 720 9.28 2.01 10.58
CA SER A 720 8.72 0.99 11.47
C SER A 720 9.00 -0.45 11.05
N THR A 721 9.60 -0.67 9.90
CA THR A 721 9.92 -2.04 9.48
C THR A 721 11.42 -2.20 9.45
N PHE A 722 11.88 -3.42 9.75
CA PHE A 722 13.29 -3.66 9.87
C PHE A 722 13.69 -5.07 9.43
N TRP A 723 14.91 -5.17 8.93
CA TRP A 723 15.62 -6.44 8.85
C TRP A 723 16.05 -6.84 10.27
N HIS A 724 15.94 -8.12 10.62
CA HIS A 724 16.48 -8.64 11.87
C HIS A 724 16.95 -10.04 11.56
N THR A 725 18.10 -10.39 12.11
CA THR A 725 18.66 -11.74 11.95
C THR A 725 17.80 -12.75 12.69
N ASN A 726 17.96 -14.02 12.32
CA ASN A 726 17.12 -15.06 12.90
C ASN A 726 17.27 -15.17 14.40
N TYR A 727 16.14 -15.23 15.09
CA TYR A 727 16.12 -15.58 16.51
C TYR A 727 15.24 -16.77 16.87
N SER A 728 14.35 -17.22 15.99
CA SER A 728 13.39 -18.28 16.35
C SER A 728 13.93 -19.71 16.18
N SER A 729 15.00 -19.92 15.42
CA SER A 729 15.52 -21.29 15.19
C SER A 729 17.06 -21.34 15.21
N SER A 730 17.71 -20.97 14.11
CA SER A 730 19.16 -21.04 14.01
C SER A 730 19.89 -20.06 14.92
N LYS A 731 19.28 -18.90 15.18
CA LYS A 731 19.85 -17.84 16.03
C LYS A 731 21.39 -17.65 15.93
N PRO A 732 21.90 -17.43 14.71
CA PRO A 732 23.34 -17.31 14.54
C PRO A 732 23.94 -16.09 15.23
N ALA A 733 25.21 -16.24 15.60
CA ALA A 733 25.98 -15.19 16.24
C ALA A 733 26.52 -14.24 15.18
N PHE A 734 27.05 -13.13 15.67
CA PHE A 734 27.84 -12.20 14.84
C PHE A 734 29.06 -12.92 14.27
N PRO A 735 29.67 -12.41 13.18
CA PRO A 735 29.23 -11.23 12.43
C PRO A 735 27.99 -11.48 11.53
N HIS A 736 27.32 -10.39 11.16
CA HIS A 736 26.17 -10.44 10.26
C HIS A 736 26.42 -9.45 9.12
N GLN A 737 25.92 -9.77 7.92
CA GLN A 737 26.16 -8.94 6.75
C GLN A 737 24.92 -8.82 5.86
N ILE A 738 24.83 -7.66 5.20
CA ILE A 738 23.85 -7.43 4.15
C ILE A 738 24.59 -6.88 2.95
N VAL A 739 24.29 -7.41 1.76
CA VAL A 739 24.90 -6.97 0.52
C VAL A 739 23.81 -6.46 -0.43
N ILE A 740 24.00 -5.24 -0.95
CA ILE A 740 23.03 -4.60 -1.83
C ILE A 740 23.66 -4.29 -3.17
N ASP A 741 22.95 -4.67 -4.25
CA ASP A 741 23.26 -4.24 -5.62
C ASP A 741 22.53 -2.92 -5.85
N LEU A 742 23.28 -1.87 -6.12
CA LEU A 742 22.70 -0.53 -6.33
C LEU A 742 21.88 -0.45 -7.63
N GLY A 743 22.04 -1.42 -8.52
CA GLY A 743 21.31 -1.45 -9.79
C GLY A 743 21.93 -0.59 -10.88
N GLU A 744 22.93 0.20 -10.53
CA GLU A 744 23.66 1.06 -11.48
C GLU A 744 24.94 1.48 -10.77
N ASP A 745 25.93 1.93 -11.52
CA ASP A 745 27.20 2.37 -10.94
C ASP A 745 27.06 3.80 -10.43
N LYS A 746 27.41 4.04 -9.16
CA LYS A 746 27.19 5.34 -8.51
C LYS A 746 28.41 5.74 -7.72
N VAL A 747 28.71 7.03 -7.69
CA VAL A 747 29.75 7.55 -6.82
C VAL A 747 29.17 7.84 -5.45
N ILE A 748 29.75 7.18 -4.46
CA ILE A 748 29.25 7.18 -3.09
C ILE A 748 30.25 7.89 -2.18
N THR A 749 29.73 8.73 -1.27
CA THR A 749 30.53 9.50 -0.33
C THR A 749 30.26 9.19 1.16
N GLY A 750 29.28 8.32 1.43
CA GLY A 750 28.88 8.08 2.78
C GLY A 750 27.61 7.24 2.83
N PHE A 751 27.06 7.07 4.03
CA PHE A 751 25.79 6.36 4.15
C PHE A 751 25.05 6.79 5.40
N SER A 752 23.76 6.41 5.49
CA SER A 752 22.96 6.69 6.67
C SER A 752 22.31 5.42 7.14
N TYR A 753 22.23 5.27 8.46
CA TYR A 753 21.73 4.09 9.14
C TYR A 753 20.64 4.53 10.12
N LEU A 754 19.53 3.79 10.11
CA LEU A 754 18.46 3.98 11.08
C LEU A 754 18.23 2.62 11.75
N PRO A 755 18.45 2.54 13.08
CA PRO A 755 18.08 1.31 13.80
C PRO A 755 16.58 1.19 14.01
N ARG A 756 16.14 0.01 14.40
CA ARG A 756 14.74 -0.15 14.77
C ARG A 756 14.24 0.90 15.78
N ALA A 757 12.94 1.15 15.73
CA ALA A 757 12.32 2.28 16.43
C ALA A 757 12.04 2.04 17.91
N GLU A 758 12.04 0.79 18.32
CA GLU A 758 11.77 0.46 19.71
C GLU A 758 12.98 0.73 20.61
N ALA A 759 12.69 0.92 21.90
CA ALA A 759 13.72 0.95 22.95
C ALA A 759 13.80 -0.42 23.62
N GLY A 760 15.00 -0.82 24.05
CA GLY A 760 15.15 -2.01 24.91
C GLY A 760 15.05 -3.33 24.16
N LYS A 761 15.25 -3.30 22.83
CA LYS A 761 15.13 -4.52 22.00
C LYS A 761 16.44 -4.90 21.37
N THR A 762 16.46 -6.09 20.78
CA THR A 762 17.67 -6.66 20.21
C THR A 762 18.04 -6.02 18.90
N GLY A 763 19.32 -6.11 18.56
CA GLY A 763 19.78 -5.81 17.20
C GLY A 763 20.30 -4.40 16.95
N MET A 764 20.58 -3.64 18.01
CA MET A 764 21.13 -2.30 17.85
C MET A 764 22.63 -2.43 17.57
N ILE A 765 22.98 -2.40 16.29
CA ILE A 765 24.35 -2.65 15.85
C ILE A 765 25.29 -1.63 16.53
N LYS A 766 26.49 -2.09 16.90
CA LYS A 766 27.51 -1.19 17.50
C LYS A 766 28.69 -1.07 16.53
N ASP A 767 29.62 -2.00 16.55
CA ASP A 767 30.79 -1.94 15.65
C ASP A 767 30.42 -2.49 14.29
N TYR A 768 30.99 -1.90 13.24
CA TYR A 768 30.68 -2.29 11.86
C TYR A 768 31.81 -1.90 10.90
N LYS A 769 31.78 -2.52 9.73
CA LYS A 769 32.61 -2.14 8.59
C LYS A 769 31.75 -2.00 7.36
N VAL A 770 32.18 -1.13 6.45
CA VAL A 770 31.52 -0.93 5.16
C VAL A 770 32.49 -1.30 4.02
N TYR A 771 32.00 -2.07 3.06
CA TYR A 771 32.74 -2.44 1.85
C TYR A 771 32.00 -1.96 0.62
N LEU A 772 32.72 -1.40 -0.36
CA LEU A 772 32.10 -0.88 -1.58
C LEU A 772 32.90 -1.46 -2.74
N LYS A 773 32.23 -2.06 -3.70
CA LYS A 773 32.88 -2.74 -4.84
C LYS A 773 32.22 -2.42 -6.17
N MET A 774 33.00 -2.50 -7.25
CA MET A 774 32.46 -2.48 -8.61
C MET A 774 32.13 -3.89 -9.12
N GLN A 775 32.95 -4.88 -8.78
CA GLN A 775 32.70 -6.28 -9.14
C GLN A 775 31.94 -6.98 -8.01
N PRO A 776 31.31 -8.12 -8.29
CA PRO A 776 30.51 -8.78 -7.25
C PRO A 776 31.33 -9.25 -6.05
N PHE A 777 30.71 -9.28 -4.87
CA PHE A 777 31.29 -9.97 -3.72
C PHE A 777 31.30 -11.47 -3.99
N LYS A 778 32.21 -12.19 -3.34
CA LYS A 778 32.29 -13.64 -3.44
C LYS A 778 31.29 -14.27 -2.49
N ILE A 779 30.30 -14.98 -3.03
CA ILE A 779 29.21 -15.57 -2.24
C ILE A 779 29.01 -17.03 -2.67
C1 GLA B . 1.65 6.53 6.26
C2 GLA B . 0.42 7.14 5.55
C3 GLA B . -0.83 6.25 5.69
C4 GLA B . -0.48 4.76 5.52
C5 GLA B . 0.65 4.34 6.45
C6 GLA B . 1.05 2.85 6.33
O1 GLA B . 1.58 6.83 7.65
O2 GLA B . 0.17 8.47 6.04
O3 GLA B . -1.82 6.67 4.73
O4 GLA B . -0.11 4.53 4.15
O5 GLA B . 1.81 5.10 6.07
O6 GLA B . -0.07 1.99 6.60
CA CA C . 12.17 -0.17 6.79
#